data_3SGE
#
_entry.id   3SGE
#
_cell.length_a   83.000
_cell.length_b   68.210
_cell.length_c   92.120
_cell.angle_alpha   90.00
_cell.angle_beta   98.37
_cell.angle_gamma   90.00
#
_symmetry.space_group_name_H-M   'P 1 21 1'
#
loop_
_entity.id
_entity.type
_entity.pdbx_description
1 polymer 'Light Chain'
2 polymer 'Heavy Chain'
3 polymer 'R13 peptide'
4 non-polymer 'CALCIUM ION'
5 water water
#
loop_
_entity_poly.entity_id
_entity_poly.type
_entity_poly.pdbx_seq_one_letter_code
_entity_poly.pdbx_strand_id
1 'polypeptide(L)'
;DVVMTQTPLTLSVTIGQPASISCKSSQSLLDSDGKTYLNWLLQRPGQSPKRLIYLVSKLDSGVPDRFTGSGSGTDFTLKI
SRVEAEDLGVYYCWQGSHFPYTFGGGTKLEIKRADAAPTVSIFPPSSEQLTSGGASVVCFLNNFYPKDINVKWKIDGSER
QNGVLNSWTDQDSKDSTYSMSSTLTLTKDEYERHNSYTCEATHKTSTSPIVKSFNRNEC
;
L,I
2 'polypeptide(L)'
;EVQLEESGGRLVQPKGSLKLSCAASGFSFNTNAMNWVRQAPGKGLEWVARIRSKINNYSTYYADSVKDRFTISRDDSQSM
LYLQMNNLKTEDTAMYYCVRGTTYWGQGTLVTVSAAKTTPPSVYPLAPGSAAQTNSMVTLGCLVKGYFPEPVTVTWNSGS
LSSGVHTFPAVLQSDLYTLSSSVTVPSSPRPSETVTCNVAHPASSTKVDKKIVPRDC
;
H,J
3 'polypeptide(L)' EEEDDDMGFGLFD K,M
#
# COMPACT_ATOMS: atom_id res chain seq x y z
N ASP A 1 20.33 18.52 3.23
CA ASP A 1 20.21 18.47 1.77
C ASP A 1 18.82 18.92 1.34
N VAL A 2 18.72 19.59 0.16
CA VAL A 2 17.47 20.09 -0.41
C VAL A 2 16.64 18.89 -0.89
N VAL A 3 15.40 18.81 -0.41
CA VAL A 3 14.50 17.70 -0.75
C VAL A 3 13.65 18.17 -1.91
N MET A 4 13.65 17.38 -3.00
CA MET A 4 12.90 17.67 -4.23
C MET A 4 11.71 16.71 -4.24
N THR A 5 10.48 17.25 -4.26
CA THR A 5 9.25 16.46 -4.27
C THR A 5 8.49 16.63 -5.57
N GLN A 6 8.35 15.53 -6.32
CA GLN A 6 7.64 15.53 -7.60
C GLN A 6 6.28 14.90 -7.48
N THR A 7 5.30 15.54 -8.08
CA THR A 7 3.93 15.04 -8.16
C THR A 7 3.42 15.27 -9.58
N PRO A 8 2.47 14.42 -10.08
CA PRO A 8 1.95 13.19 -9.46
C PRO A 8 3.03 12.09 -9.62
N LEU A 9 2.85 10.92 -9.01
CA LEU A 9 3.80 9.81 -9.21
C LEU A 9 3.64 9.27 -10.64
N THR A 10 2.37 9.11 -11.09
CA THR A 10 2.04 8.65 -12.45
C THR A 10 0.84 9.48 -12.98
N LEU A 11 0.73 9.56 -14.31
CA LEU A 11 -0.40 10.17 -15.01
C LEU A 11 -0.57 9.42 -16.31
N SER A 12 -1.79 9.41 -16.84
CA SER A 12 -2.18 8.70 -18.05
C SER A 12 -2.88 9.68 -18.97
N VAL A 13 -2.20 10.03 -20.07
CA VAL A 13 -2.66 11.06 -21.01
C VAL A 13 -2.86 10.56 -22.44
N THR A 14 -3.97 11.00 -23.06
CA THR A 14 -4.29 10.71 -24.45
C THR A 14 -3.40 11.57 -25.36
N ILE A 15 -2.86 10.97 -26.43
CA ILE A 15 -2.05 11.65 -27.46
C ILE A 15 -2.85 12.83 -28.02
N GLY A 16 -2.27 14.02 -27.98
CA GLY A 16 -2.93 15.25 -28.43
C GLY A 16 -3.42 16.15 -27.32
N GLN A 17 -3.51 15.64 -26.08
CA GLN A 17 -4.00 16.35 -24.89
C GLN A 17 -2.86 16.92 -24.01
N PRO A 18 -3.11 17.96 -23.17
CA PRO A 18 -2.01 18.49 -22.35
C PRO A 18 -1.66 17.66 -21.11
N ALA A 19 -0.44 17.91 -20.58
CA ALA A 19 0.06 17.28 -19.35
C ALA A 19 0.77 18.37 -18.54
N SER A 20 0.77 18.24 -17.22
CA SER A 20 1.40 19.22 -16.35
C SER A 20 1.92 18.49 -15.16
N ILE A 21 3.18 18.71 -14.84
CA ILE A 21 3.82 18.01 -13.73
C ILE A 21 4.54 18.98 -12.83
N SER A 22 4.61 18.66 -11.53
CA SER A 22 5.16 19.55 -10.53
C SER A 22 6.44 19.09 -9.82
N CYS A 23 7.28 20.08 -9.40
CA CYS A 23 8.52 19.86 -8.65
C CYS A 23 8.61 20.94 -7.57
N LYS A 24 8.62 20.55 -6.31
CA LYS A 24 8.71 21.49 -5.20
C LYS A 24 9.97 21.23 -4.37
N SER A 25 10.67 22.30 -3.97
CA SER A 25 11.88 22.13 -3.18
C SER A 25 11.66 22.48 -1.70
N SER A 26 12.43 21.84 -0.80
CA SER A 26 12.34 22.07 0.65
C SER A 26 12.87 23.47 1.02
N GLN A 27 13.67 24.08 0.14
CA GLN A 27 14.20 25.44 0.27
C GLN A 27 14.33 26.10 -1.09
N SER A 28 14.32 27.45 -1.10
CA SER A 28 14.39 28.22 -2.33
C SER A 28 15.57 27.80 -3.20
N LEU A 29 15.32 27.65 -4.50
CA LEU A 29 16.40 27.32 -5.42
C LEU A 29 17.04 28.57 -6.02
N LEU A 30 16.60 29.79 -5.58
CA LEU A 30 17.24 31.03 -6.05
C LEU A 30 18.65 31.06 -5.48
N ASP A 31 19.67 31.04 -6.36
CA ASP A 31 21.08 31.01 -5.96
C ASP A 31 21.60 32.42 -5.65
N SER A 32 22.84 32.50 -5.10
CA SER A 32 23.54 33.75 -4.75
C SER A 32 23.76 34.68 -5.96
N ASP A 33 23.91 34.13 -7.18
CA ASP A 33 24.12 34.90 -8.41
C ASP A 33 22.82 35.40 -9.05
N GLY A 34 21.69 35.20 -8.38
CA GLY A 34 20.37 35.57 -8.86
C GLY A 34 19.74 34.60 -9.85
N LYS A 35 20.44 33.50 -10.20
CA LYS A 35 19.93 32.49 -11.14
C LYS A 35 19.35 31.29 -10.37
N THR A 36 18.42 30.55 -11.01
CA THR A 36 17.78 29.38 -10.42
C THR A 36 18.12 28.16 -11.28
N TYR A 37 18.97 27.27 -10.74
CA TYR A 37 19.44 26.10 -11.47
C TYR A 37 18.50 24.91 -11.34
N LEU A 38 17.36 24.97 -12.03
CA LEU A 38 16.40 23.87 -12.00
C LEU A 38 16.34 23.23 -13.41
N ASN A 39 16.65 21.94 -13.48
CA ASN A 39 16.65 21.20 -14.75
C ASN A 39 15.55 20.16 -14.79
N TRP A 40 15.06 19.86 -16.01
CA TRP A 40 14.08 18.81 -16.22
C TRP A 40 14.67 17.80 -17.18
N LEU A 41 14.55 16.52 -16.85
CA LEU A 41 15.10 15.46 -17.71
C LEU A 41 14.01 14.44 -18.03
N LEU A 42 14.13 13.73 -19.16
CA LEU A 42 13.21 12.67 -19.57
C LEU A 42 14.04 11.39 -19.78
N GLN A 43 13.59 10.26 -19.22
CA GLN A 43 14.22 8.96 -19.44
C GLN A 43 13.15 8.07 -20.09
N ARG A 44 13.29 7.82 -21.40
CA ARG A 44 12.42 6.91 -22.16
C ARG A 44 12.74 5.46 -21.78
N PRO A 45 11.76 4.50 -21.93
CA PRO A 45 12.02 3.10 -21.54
C PRO A 45 13.26 2.52 -22.19
N GLY A 46 14.12 1.88 -21.38
CA GLY A 46 15.37 1.25 -21.80
C GLY A 46 16.43 2.20 -22.37
N GLN A 47 16.28 3.54 -22.16
CA GLN A 47 17.22 4.55 -22.67
C GLN A 47 17.89 5.32 -21.55
N SER A 48 18.94 6.08 -21.88
CA SER A 48 19.61 6.90 -20.88
C SER A 48 18.78 8.19 -20.71
N PRO A 49 18.86 8.86 -19.55
CA PRO A 49 18.16 10.15 -19.41
C PRO A 49 18.68 11.18 -20.41
N LYS A 50 17.87 12.20 -20.69
CA LYS A 50 18.32 13.29 -21.53
C LYS A 50 17.75 14.57 -20.93
N ARG A 51 18.50 15.68 -20.98
CA ARG A 51 18.03 16.96 -20.44
C ARG A 51 17.12 17.67 -21.45
N LEU A 52 15.99 18.17 -20.98
CA LEU A 52 15.02 18.91 -21.82
C LEU A 52 15.12 20.40 -21.56
N ILE A 53 15.12 20.78 -20.27
CA ILE A 53 15.08 22.18 -19.81
C ILE A 53 16.14 22.44 -18.74
N TYR A 54 16.71 23.65 -18.76
CA TYR A 54 17.70 24.13 -17.78
C TYR A 54 17.32 25.57 -17.40
N LEU A 55 17.85 26.06 -16.26
CA LEU A 55 17.56 27.41 -15.76
C LEU A 55 16.03 27.70 -15.76
N VAL A 56 15.25 26.72 -15.24
CA VAL A 56 13.77 26.76 -15.07
C VAL A 56 13.00 26.67 -16.37
N SER A 57 13.39 27.47 -17.38
CA SER A 57 12.59 27.65 -18.59
C SER A 57 13.29 27.57 -19.92
N LYS A 58 14.61 27.42 -19.93
CA LYS A 58 15.34 27.37 -21.21
C LYS A 58 15.34 25.97 -21.84
N LEU A 59 14.95 25.87 -23.12
CA LEU A 59 14.91 24.60 -23.85
C LEU A 59 16.25 24.26 -24.46
N ASP A 60 16.69 22.98 -24.29
CA ASP A 60 17.91 22.53 -24.95
C ASP A 60 17.64 22.41 -26.46
N SER A 61 18.70 22.42 -27.27
CA SER A 61 18.56 22.34 -28.72
C SER A 61 17.93 21.00 -29.13
N GLY A 62 17.01 21.06 -30.09
CA GLY A 62 16.32 19.88 -30.57
C GLY A 62 15.13 19.43 -29.73
N VAL A 63 14.82 20.16 -28.63
CA VAL A 63 13.68 19.87 -27.77
C VAL A 63 12.46 20.60 -28.37
N PRO A 64 11.34 19.91 -28.70
CA PRO A 64 10.19 20.61 -29.30
C PRO A 64 9.57 21.67 -28.40
N ASP A 65 9.00 22.73 -29.02
CA ASP A 65 8.35 23.85 -28.31
C ASP A 65 7.06 23.45 -27.55
N ARG A 66 6.67 22.16 -27.60
CA ARG A 66 5.50 21.61 -26.88
C ARG A 66 5.80 21.61 -25.38
N PHE A 67 7.09 21.66 -25.02
CA PHE A 67 7.51 21.67 -23.61
C PHE A 67 7.74 23.08 -23.12
N THR A 68 7.21 23.39 -21.94
CA THR A 68 7.40 24.68 -21.28
C THR A 68 7.72 24.41 -19.81
N GLY A 69 8.73 25.08 -19.31
CA GLY A 69 9.11 25.06 -17.90
C GLY A 69 8.83 26.41 -17.32
N SER A 70 8.39 26.45 -16.06
CA SER A 70 8.10 27.72 -15.36
C SER A 70 8.24 27.52 -13.86
N GLY A 71 8.12 28.62 -13.12
CA GLY A 71 8.20 28.64 -11.67
C GLY A 71 9.30 29.53 -11.13
N SER A 72 9.39 29.60 -9.80
CA SER A 72 10.40 30.36 -9.06
C SER A 72 10.39 29.92 -7.60
N GLY A 73 11.50 30.18 -6.91
CA GLY A 73 11.64 29.89 -5.48
C GLY A 73 11.64 28.41 -5.16
N THR A 74 10.51 27.92 -4.68
CA THR A 74 10.34 26.51 -4.30
C THR A 74 9.35 25.76 -5.20
N ASP A 75 8.62 26.45 -6.10
CA ASP A 75 7.59 25.81 -6.92
C ASP A 75 7.91 25.85 -8.41
N PHE A 76 8.00 24.67 -9.05
CA PHE A 76 8.34 24.56 -10.47
C PHE A 76 7.38 23.65 -11.22
N THR A 77 7.17 23.93 -12.52
CA THR A 77 6.22 23.16 -13.36
C THR A 77 6.74 22.90 -14.78
N LEU A 78 6.52 21.66 -15.28
CA LEU A 78 6.82 21.32 -16.66
C LEU A 78 5.46 21.03 -17.28
N LYS A 79 5.19 21.63 -18.44
CA LYS A 79 3.94 21.44 -19.13
C LYS A 79 4.20 21.01 -20.56
N ILE A 80 3.35 20.11 -21.06
CA ILE A 80 3.38 19.62 -22.43
C ILE A 80 2.02 20.08 -23.01
N SER A 81 2.04 20.91 -24.06
CA SER A 81 0.82 21.46 -24.67
C SER A 81 -0.05 20.36 -25.30
N ARG A 82 0.57 19.44 -26.04
CA ARG A 82 -0.09 18.31 -26.67
C ARG A 82 0.87 17.09 -26.68
N VAL A 83 0.54 16.05 -25.90
CA VAL A 83 1.44 14.91 -25.83
C VAL A 83 1.49 14.06 -27.11
N GLU A 84 2.70 13.61 -27.45
CA GLU A 84 2.99 12.73 -28.57
C GLU A 84 3.45 11.42 -27.99
N ALA A 85 3.38 10.34 -28.79
CA ALA A 85 3.78 8.99 -28.41
C ALA A 85 5.20 8.94 -27.82
N GLU A 86 6.14 9.75 -28.37
CA GLU A 86 7.54 9.83 -27.94
C GLU A 86 7.78 10.47 -26.56
N ASP A 87 6.73 11.10 -25.97
CA ASP A 87 6.84 11.73 -24.64
C ASP A 87 6.72 10.73 -23.51
N LEU A 88 6.39 9.46 -23.85
CA LEU A 88 6.24 8.41 -22.86
C LEU A 88 7.59 8.19 -22.13
N GLY A 89 7.56 8.16 -20.81
CA GLY A 89 8.75 7.93 -20.01
C GLY A 89 8.65 8.49 -18.61
N VAL A 90 9.79 8.58 -17.91
CA VAL A 90 9.84 9.13 -16.56
C VAL A 90 10.59 10.47 -16.65
N TYR A 91 9.96 11.51 -16.11
CA TYR A 91 10.48 12.87 -16.03
C TYR A 91 11.04 13.11 -14.64
N TYR A 92 12.27 13.67 -14.56
CA TYR A 92 12.92 13.97 -13.28
C TYR A 92 13.30 15.47 -13.23
N CYS A 93 13.16 16.10 -12.06
CA CYS A 93 13.71 17.45 -11.87
C CYS A 93 15.06 17.26 -11.16
N TRP A 94 16.04 18.13 -11.42
CA TRP A 94 17.39 18.02 -10.84
C TRP A 94 17.84 19.43 -10.48
N GLN A 95 18.06 19.71 -9.18
CA GLN A 95 18.50 21.06 -8.77
C GLN A 95 20.00 21.15 -8.68
N GLY A 96 20.57 22.23 -9.21
CA GLY A 96 22.01 22.47 -9.14
C GLY A 96 22.38 23.74 -8.38
N SER A 97 21.41 24.37 -7.67
CA SER A 97 21.63 25.61 -6.91
C SER A 97 22.35 25.36 -5.59
N HIS A 98 22.08 24.21 -4.95
CA HIS A 98 22.70 23.90 -3.66
C HIS A 98 23.39 22.56 -3.70
N PHE A 99 24.52 22.46 -3.00
CA PHE A 99 25.29 21.21 -2.91
C PHE A 99 24.78 20.42 -1.70
N PRO A 100 24.57 19.07 -1.80
CA PRO A 100 24.68 18.20 -2.98
C PRO A 100 23.50 18.36 -3.96
N TYR A 101 23.74 18.06 -5.25
CA TYR A 101 22.78 18.18 -6.37
C TYR A 101 21.69 17.07 -6.39
N THR A 102 20.56 17.37 -5.81
CA THR A 102 19.46 16.43 -5.57
C THR A 102 18.41 16.34 -6.66
N PHE A 103 17.90 15.12 -6.84
CA PHE A 103 16.85 14.82 -7.83
C PHE A 103 15.51 14.66 -7.16
N GLY A 104 14.45 14.92 -7.93
CA GLY A 104 13.09 14.58 -7.58
C GLY A 104 12.95 13.07 -7.78
N GLY A 105 11.90 12.47 -7.22
CA GLY A 105 11.67 11.04 -7.31
C GLY A 105 11.14 10.50 -8.64
N GLY A 106 10.81 11.40 -9.57
CA GLY A 106 10.31 10.99 -10.87
C GLY A 106 8.79 10.97 -10.99
N THR A 107 8.30 11.31 -12.19
CA THR A 107 6.88 11.29 -12.58
C THR A 107 6.80 10.42 -13.84
N LYS A 108 6.05 9.34 -13.77
CA LYS A 108 5.90 8.42 -14.90
C LYS A 108 4.71 8.85 -15.78
N LEU A 109 4.99 9.24 -17.04
CA LEU A 109 3.93 9.64 -17.97
C LEU A 109 3.58 8.43 -18.82
N GLU A 110 2.32 8.01 -18.76
CA GLU A 110 1.81 6.83 -19.50
C GLU A 110 0.83 7.29 -20.59
N ILE A 111 0.70 6.51 -21.66
CA ILE A 111 -0.20 6.87 -22.77
C ILE A 111 -1.56 6.22 -22.57
N LYS A 112 -2.63 7.04 -22.54
CA LYS A 112 -3.98 6.50 -22.42
C LYS A 112 -4.42 6.03 -23.79
N ARG A 113 -5.05 4.87 -23.85
CA ARG A 113 -5.57 4.29 -25.09
C ARG A 113 -6.87 3.55 -24.78
N ALA A 114 -7.56 3.00 -25.81
CA ALA A 114 -8.81 2.27 -25.58
C ALA A 114 -8.59 0.96 -24.84
N ASP A 115 -9.64 0.46 -24.16
CA ASP A 115 -9.56 -0.84 -23.54
C ASP A 115 -9.40 -1.91 -24.61
N ALA A 116 -8.76 -3.02 -24.24
CA ALA A 116 -8.55 -4.17 -25.12
C ALA A 116 -8.39 -5.41 -24.26
N ALA A 117 -9.08 -6.47 -24.64
CA ALA A 117 -9.06 -7.72 -23.89
C ALA A 117 -7.79 -8.48 -24.19
N PRO A 118 -7.17 -9.19 -23.23
CA PRO A 118 -5.98 -9.98 -23.58
C PRO A 118 -6.27 -11.18 -24.48
N THR A 119 -5.31 -11.57 -25.29
CA THR A 119 -5.33 -12.79 -26.10
C THR A 119 -4.45 -13.78 -25.30
N VAL A 120 -5.05 -14.90 -24.82
CA VAL A 120 -4.38 -15.86 -23.95
C VAL A 120 -3.89 -17.12 -24.67
N SER A 121 -2.66 -17.55 -24.34
CA SER A 121 -2.02 -18.75 -24.86
C SER A 121 -1.39 -19.50 -23.69
N ILE A 122 -1.63 -20.84 -23.59
CA ILE A 122 -1.12 -21.72 -22.53
C ILE A 122 -0.01 -22.64 -23.07
N PHE A 123 1.03 -22.87 -22.24
CA PHE A 123 2.19 -23.67 -22.68
C PHE A 123 2.59 -24.76 -21.69
N PRO A 124 2.72 -26.02 -22.16
CA PRO A 124 3.11 -27.12 -21.27
C PRO A 124 4.62 -27.14 -21.00
N PRO A 125 5.11 -27.83 -19.95
CA PRO A 125 6.59 -27.93 -19.75
C PRO A 125 7.26 -28.64 -20.92
N SER A 126 8.47 -28.19 -21.25
CA SER A 126 9.25 -28.77 -22.33
C SER A 126 9.92 -30.05 -21.82
N SER A 127 10.38 -30.91 -22.75
CA SER A 127 11.09 -32.14 -22.40
C SER A 127 12.48 -31.79 -21.83
N GLU A 128 13.09 -30.70 -22.36
CA GLU A 128 14.38 -30.17 -21.89
C GLU A 128 14.32 -29.89 -20.37
N GLN A 129 13.16 -29.33 -19.88
CA GLN A 129 12.92 -29.02 -18.46
C GLN A 129 12.58 -30.23 -17.60
N LEU A 130 11.62 -31.07 -18.05
CA LEU A 130 11.15 -32.26 -17.32
C LEU A 130 12.26 -33.21 -16.92
N THR A 131 13.30 -33.32 -17.77
CA THR A 131 14.50 -34.13 -17.58
C THR A 131 15.33 -33.66 -16.35
N SER A 132 15.24 -32.36 -16.00
CA SER A 132 15.97 -31.75 -14.90
C SER A 132 15.29 -31.90 -13.53
N GLY A 133 14.05 -32.40 -13.51
CA GLY A 133 13.29 -32.59 -12.28
C GLY A 133 12.30 -31.50 -11.93
N GLY A 134 12.19 -30.50 -12.81
CA GLY A 134 11.27 -29.38 -12.62
C GLY A 134 10.25 -29.27 -13.73
N ALA A 135 9.16 -28.54 -13.49
CA ALA A 135 8.12 -28.36 -14.51
C ALA A 135 7.48 -26.96 -14.43
N SER A 136 7.51 -26.22 -15.55
CA SER A 136 6.92 -24.88 -15.60
C SER A 136 5.79 -24.80 -16.59
N VAL A 137 4.69 -24.18 -16.17
CA VAL A 137 3.52 -23.99 -17.03
C VAL A 137 3.44 -22.49 -17.32
N VAL A 138 3.40 -22.11 -18.61
CA VAL A 138 3.40 -20.70 -18.99
C VAL A 138 2.11 -20.22 -19.66
N CYS A 139 1.64 -19.03 -19.26
CA CYS A 139 0.52 -18.34 -19.87
C CYS A 139 0.91 -16.94 -20.28
N PHE A 140 0.80 -16.65 -21.57
CA PHE A 140 1.05 -15.32 -22.08
C PHE A 140 -0.34 -14.70 -22.28
N LEU A 141 -0.48 -13.44 -21.86
CA LEU A 141 -1.69 -12.60 -21.95
C LEU A 141 -1.26 -11.42 -22.82
N ASN A 142 -1.64 -11.43 -24.10
CA ASN A 142 -1.17 -10.43 -25.04
C ASN A 142 -2.06 -9.28 -25.46
N ASN A 143 -1.42 -8.10 -25.60
CA ASN A 143 -1.96 -6.85 -26.11
C ASN A 143 -3.27 -6.39 -25.47
N PHE A 144 -3.21 -6.13 -24.16
CA PHE A 144 -4.37 -5.68 -23.40
C PHE A 144 -4.15 -4.28 -22.83
N TYR A 145 -5.25 -3.67 -22.36
CA TYR A 145 -5.27 -2.35 -21.75
C TYR A 145 -6.60 -2.22 -20.97
N PRO A 146 -6.61 -1.69 -19.70
CA PRO A 146 -5.49 -1.17 -18.90
C PRO A 146 -4.58 -2.27 -18.35
N LYS A 147 -3.50 -1.87 -17.68
CA LYS A 147 -2.46 -2.75 -17.12
C LYS A 147 -2.98 -3.74 -16.05
N ASP A 148 -3.89 -3.29 -15.20
CA ASP A 148 -4.41 -4.08 -14.08
C ASP A 148 -5.13 -5.33 -14.58
N ILE A 149 -4.69 -6.50 -14.11
CA ILE A 149 -5.21 -7.80 -14.56
C ILE A 149 -5.00 -8.84 -13.45
N ASN A 150 -5.83 -9.90 -13.42
CA ASN A 150 -5.69 -10.95 -12.42
C ASN A 150 -5.60 -12.31 -13.06
N VAL A 151 -4.52 -13.05 -12.76
CA VAL A 151 -4.32 -14.40 -13.26
C VAL A 151 -4.53 -15.40 -12.11
N LYS A 152 -5.31 -16.46 -12.37
CA LYS A 152 -5.58 -17.50 -11.37
C LYS A 152 -5.23 -18.82 -11.98
N TRP A 153 -4.35 -19.57 -11.31
CA TRP A 153 -3.92 -20.88 -11.76
C TRP A 153 -4.75 -21.96 -11.08
N LYS A 154 -5.13 -22.99 -11.84
CA LYS A 154 -5.92 -24.13 -11.35
C LYS A 154 -5.28 -25.45 -11.74
N ILE A 155 -5.12 -26.33 -10.75
CA ILE A 155 -4.58 -27.68 -10.92
C ILE A 155 -5.73 -28.65 -10.60
N ASP A 156 -6.29 -29.29 -11.65
CA ASP A 156 -7.42 -30.22 -11.58
C ASP A 156 -8.74 -29.61 -11.03
N GLY A 157 -8.78 -28.28 -10.92
CA GLY A 157 -9.93 -27.53 -10.44
C GLY A 157 -9.68 -26.66 -9.23
N SER A 158 -8.61 -26.94 -8.47
CA SER A 158 -8.25 -26.20 -7.24
C SER A 158 -7.20 -25.10 -7.46
N GLU A 159 -7.40 -23.96 -6.79
CA GLU A 159 -6.55 -22.77 -6.84
C GLU A 159 -5.18 -22.98 -6.18
N ARG A 160 -4.10 -22.60 -6.90
CA ARG A 160 -2.71 -22.64 -6.41
C ARG A 160 -2.14 -21.22 -6.41
N GLN A 161 -1.71 -20.74 -5.23
CA GLN A 161 -1.15 -19.39 -5.05
C GLN A 161 0.40 -19.35 -5.02
N ASN A 162 1.05 -20.48 -4.73
CA ASN A 162 2.52 -20.53 -4.63
C ASN A 162 3.21 -21.06 -5.89
N GLY A 163 4.43 -20.60 -6.12
CA GLY A 163 5.24 -20.96 -7.29
C GLY A 163 4.81 -20.25 -8.55
N VAL A 164 4.29 -19.01 -8.40
CA VAL A 164 3.81 -18.17 -9.51
C VAL A 164 4.66 -16.89 -9.71
N LEU A 165 5.16 -16.69 -10.94
CA LEU A 165 5.97 -15.53 -11.30
C LEU A 165 5.24 -14.78 -12.41
N ASN A 166 4.98 -13.49 -12.19
CA ASN A 166 4.31 -12.62 -13.15
C ASN A 166 5.23 -11.48 -13.56
N SER A 167 5.18 -11.13 -14.86
CA SER A 167 5.99 -10.04 -15.42
C SER A 167 5.23 -9.32 -16.55
N TRP A 168 5.23 -7.97 -16.55
CA TRP A 168 4.57 -7.13 -17.56
C TRP A 168 5.57 -6.44 -18.49
N THR A 169 5.23 -6.31 -19.78
CA THR A 169 6.07 -5.53 -20.69
C THR A 169 5.77 -4.04 -20.46
N ASP A 170 6.61 -3.15 -21.00
CA ASP A 170 6.38 -1.69 -21.03
C ASP A 170 5.23 -1.52 -22.08
N GLN A 171 4.64 -0.32 -22.22
CA GLN A 171 3.61 -0.11 -23.24
C GLN A 171 4.24 -0.29 -24.64
N ASP A 172 3.51 -0.97 -25.56
CA ASP A 172 3.99 -1.21 -26.93
C ASP A 172 4.29 0.10 -27.66
N SER A 173 5.44 0.18 -28.33
CA SER A 173 5.82 1.42 -29.04
C SER A 173 4.87 1.82 -30.18
N LYS A 174 4.10 0.87 -30.74
CA LYS A 174 3.17 1.13 -31.86
C LYS A 174 1.72 1.31 -31.42
N ASP A 175 1.21 0.51 -30.47
CA ASP A 175 -0.21 0.64 -30.07
C ASP A 175 -0.49 0.97 -28.61
N SER A 176 0.57 1.05 -27.75
CA SER A 176 0.47 1.39 -26.31
C SER A 176 -0.19 0.34 -25.43
N THR A 177 -0.36 -0.91 -25.91
CA THR A 177 -0.94 -1.98 -25.10
C THR A 177 0.13 -2.59 -24.23
N TYR A 178 -0.28 -3.38 -23.24
CA TYR A 178 0.62 -4.16 -22.39
C TYR A 178 0.48 -5.61 -22.75
N SER A 179 1.49 -6.41 -22.35
CA SER A 179 1.44 -7.86 -22.40
C SER A 179 1.96 -8.34 -21.06
N MET A 180 1.58 -9.56 -20.67
CA MET A 180 1.95 -10.15 -19.38
C MET A 180 2.28 -11.62 -19.53
N SER A 181 3.28 -12.10 -18.76
CA SER A 181 3.65 -13.50 -18.76
C SER A 181 3.47 -14.00 -17.32
N SER A 182 2.80 -15.16 -17.17
CA SER A 182 2.52 -15.81 -15.88
C SER A 182 3.05 -17.25 -15.92
N THR A 183 4.02 -17.55 -15.05
CA THR A 183 4.64 -18.88 -15.02
C THR A 183 4.34 -19.57 -13.70
N LEU A 184 3.81 -20.81 -13.78
CA LEU A 184 3.55 -21.70 -12.66
C LEU A 184 4.68 -22.74 -12.62
N THR A 185 5.46 -22.76 -11.52
CA THR A 185 6.55 -23.73 -11.38
C THR A 185 6.26 -24.79 -10.31
N LEU A 186 6.29 -26.05 -10.72
CA LEU A 186 6.06 -27.21 -9.87
C LEU A 186 7.24 -28.17 -10.04
N THR A 187 7.38 -29.15 -9.13
CA THR A 187 8.40 -30.20 -9.24
C THR A 187 7.87 -31.19 -10.30
N LYS A 188 8.76 -32.03 -10.89
CA LYS A 188 8.34 -33.02 -11.89
C LYS A 188 7.35 -34.05 -11.32
N ASP A 189 7.52 -34.43 -10.05
CA ASP A 189 6.65 -35.40 -9.35
C ASP A 189 5.22 -34.86 -9.17
N GLU A 190 5.07 -33.59 -8.74
CA GLU A 190 3.78 -32.92 -8.53
C GLU A 190 3.03 -32.67 -9.85
N TYR A 191 3.75 -32.34 -10.93
CA TYR A 191 3.15 -32.11 -12.24
C TYR A 191 2.51 -33.37 -12.82
N GLU A 192 3.21 -34.52 -12.71
CA GLU A 192 2.74 -35.81 -13.21
C GLU A 192 1.59 -36.37 -12.36
N ARG A 193 1.51 -35.94 -11.09
CA ARG A 193 0.49 -36.31 -10.10
C ARG A 193 -0.92 -35.82 -10.46
N HIS A 194 -1.02 -34.79 -11.34
CA HIS A 194 -2.30 -34.22 -11.77
C HIS A 194 -2.47 -34.26 -13.30
N ASN A 195 -3.66 -33.88 -13.83
CA ASN A 195 -3.93 -33.97 -15.28
C ASN A 195 -4.18 -32.63 -15.99
N SER A 196 -5.19 -31.86 -15.54
CA SER A 196 -5.55 -30.58 -16.18
C SER A 196 -4.88 -29.36 -15.56
N TYR A 197 -4.26 -28.54 -16.43
CA TYR A 197 -3.61 -27.30 -16.02
C TYR A 197 -4.29 -26.13 -16.71
N THR A 198 -4.79 -25.18 -15.91
CA THR A 198 -5.59 -24.06 -16.37
C THR A 198 -5.14 -22.69 -15.80
N CYS A 199 -5.11 -21.66 -16.66
CA CYS A 199 -4.86 -20.27 -16.24
C CYS A 199 -6.10 -19.45 -16.61
N GLU A 200 -6.59 -18.70 -15.63
CA GLU A 200 -7.80 -17.90 -15.76
C GLU A 200 -7.47 -16.42 -15.60
N ALA A 201 -7.83 -15.62 -16.61
CA ALA A 201 -7.56 -14.18 -16.62
C ALA A 201 -8.81 -13.30 -16.42
N THR A 202 -8.85 -12.51 -15.32
CA THR A 202 -9.94 -11.55 -15.06
C THR A 202 -9.43 -10.13 -15.36
N HIS A 203 -10.11 -9.46 -16.28
CA HIS A 203 -9.78 -8.10 -16.76
C HIS A 203 -11.07 -7.28 -16.85
N LYS A 204 -10.98 -5.94 -16.74
CA LYS A 204 -12.17 -5.06 -16.82
C LYS A 204 -13.01 -5.18 -18.10
N THR A 205 -12.42 -5.68 -19.21
CA THR A 205 -13.07 -5.88 -20.51
C THR A 205 -14.14 -6.98 -20.52
N SER A 206 -14.20 -7.81 -19.46
CA SER A 206 -15.18 -8.88 -19.36
C SER A 206 -15.58 -9.20 -17.93
N THR A 207 -16.87 -9.54 -17.75
CA THR A 207 -17.47 -9.93 -16.47
C THR A 207 -17.08 -11.38 -16.16
N SER A 208 -16.75 -12.16 -17.23
CA SER A 208 -16.35 -13.55 -17.15
C SER A 208 -14.86 -13.71 -17.50
N PRO A 209 -14.12 -14.60 -16.80
CA PRO A 209 -12.68 -14.75 -17.08
C PRO A 209 -12.35 -15.47 -18.38
N ILE A 210 -11.18 -15.18 -18.94
CA ILE A 210 -10.68 -15.85 -20.14
C ILE A 210 -9.92 -17.06 -19.60
N VAL A 211 -10.29 -18.24 -20.10
CA VAL A 211 -9.76 -19.52 -19.64
C VAL A 211 -9.08 -20.33 -20.74
N LYS A 212 -7.81 -20.69 -20.49
CA LYS A 212 -7.01 -21.53 -21.37
C LYS A 212 -6.53 -22.75 -20.60
N SER A 213 -6.56 -23.92 -21.24
CA SER A 213 -6.21 -25.17 -20.57
C SER A 213 -5.50 -26.18 -21.44
N PHE A 214 -4.92 -27.18 -20.77
CA PHE A 214 -4.23 -28.32 -21.37
C PHE A 214 -4.19 -29.45 -20.35
N ASN A 215 -4.24 -30.69 -20.85
CA ASN A 215 -4.13 -31.88 -20.00
C ASN A 215 -2.96 -32.70 -20.53
N ARG A 216 -2.15 -33.27 -19.62
CA ARG A 216 -1.02 -34.13 -20.02
C ARG A 216 -1.55 -35.41 -20.69
N ASN A 217 -2.80 -35.82 -20.32
CA ASN A 217 -3.49 -36.99 -20.87
C ASN A 217 -4.47 -36.61 -21.99
N GLU A 218 -3.92 -36.48 -23.22
CA GLU A 218 -4.51 -36.17 -24.55
C GLU A 218 -3.54 -35.40 -25.44
N CYS A 219 -3.48 -35.76 -26.74
CA CYS A 219 -2.61 -35.16 -27.74
C CYS A 219 -3.13 -35.34 -29.16
N GLU B 1 29.98 13.00 -33.83
CA GLU B 1 28.97 12.83 -32.81
C GLU B 1 29.61 12.62 -31.43
N VAL B 2 28.91 13.05 -30.38
CA VAL B 2 29.36 12.90 -29.00
C VAL B 2 29.10 11.44 -28.60
N GLN B 3 30.10 10.82 -27.93
CA GLN B 3 29.93 9.47 -27.43
C GLN B 3 30.65 9.32 -26.08
N LEU B 4 29.99 8.63 -25.13
CA LEU B 4 30.53 8.30 -23.80
C LEU B 4 30.26 6.83 -23.61
N GLU B 5 31.31 6.00 -23.44
CA GLU B 5 31.15 4.55 -23.27
CA GLU B 5 31.11 4.56 -23.25
C GLU B 5 31.70 4.12 -21.93
N GLU B 6 30.83 3.66 -21.02
CA GLU B 6 31.27 3.18 -19.70
C GLU B 6 31.64 1.68 -19.84
N SER B 7 32.68 1.27 -19.12
CA SER B 7 33.21 -0.10 -19.08
CA SER B 7 33.22 -0.10 -19.06
C SER B 7 33.49 -0.46 -17.60
N GLY B 8 33.39 -1.74 -17.24
CA GLY B 8 33.71 -2.20 -15.90
C GLY B 8 32.62 -2.77 -15.04
N GLY B 9 31.37 -2.53 -15.39
CA GLY B 9 30.26 -3.07 -14.62
C GLY B 9 30.33 -4.60 -14.57
N ARG B 10 29.89 -5.16 -13.45
CA ARG B 10 29.91 -6.60 -13.23
C ARG B 10 29.51 -6.96 -11.81
N LEU B 11 29.51 -8.28 -11.52
CA LEU B 11 29.15 -8.78 -10.20
C LEU B 11 30.37 -8.71 -9.27
N VAL B 12 30.15 -8.26 -8.03
CA VAL B 12 31.19 -8.11 -6.98
C VAL B 12 30.56 -8.43 -5.61
N GLN B 13 31.35 -9.05 -4.70
CA GLN B 13 30.85 -9.39 -3.38
C GLN B 13 30.75 -8.18 -2.44
N PRO B 14 29.79 -8.15 -1.49
CA PRO B 14 29.74 -7.04 -0.52
C PRO B 14 31.10 -6.90 0.18
N LYS B 15 31.60 -5.64 0.34
CA LYS B 15 32.90 -5.26 0.90
C LYS B 15 33.99 -5.24 -0.15
N GLY B 16 33.66 -5.69 -1.36
CA GLY B 16 34.61 -5.77 -2.47
C GLY B 16 34.88 -4.42 -3.12
N SER B 17 35.77 -4.42 -4.12
CA SER B 17 36.17 -3.23 -4.86
C SER B 17 35.95 -3.40 -6.34
N LEU B 18 35.76 -2.28 -7.07
CA LEU B 18 35.55 -2.26 -8.52
C LEU B 18 35.88 -0.88 -9.05
N LYS B 19 36.48 -0.82 -10.24
CA LYS B 19 36.80 0.45 -10.89
C LYS B 19 36.07 0.52 -12.23
N LEU B 20 35.35 1.62 -12.42
CA LEU B 20 34.66 1.87 -13.68
C LEU B 20 35.49 2.84 -14.51
N SER B 21 35.37 2.77 -15.85
CA SER B 21 36.01 3.65 -16.84
C SER B 21 34.92 4.23 -17.74
N CYS B 22 35.15 5.40 -18.28
CA CYS B 22 34.27 6.02 -19.26
C CYS B 22 35.15 6.64 -20.32
N ALA B 23 34.97 6.24 -21.59
CA ALA B 23 35.79 6.78 -22.69
C ALA B 23 34.98 7.85 -23.45
N ALA B 24 35.52 9.05 -23.50
CA ALA B 24 34.85 10.17 -24.15
C ALA B 24 35.42 10.48 -25.55
N SER B 25 34.55 10.86 -26.49
CA SER B 25 34.97 11.25 -27.85
C SER B 25 33.91 12.17 -28.47
N GLY B 26 34.30 12.92 -29.51
CA GLY B 26 33.39 13.81 -30.22
C GLY B 26 33.15 15.17 -29.59
N PHE B 27 33.90 15.49 -28.54
CA PHE B 27 33.84 16.76 -27.82
C PHE B 27 35.15 16.99 -27.10
N SER B 28 35.33 18.20 -26.59
CA SER B 28 36.54 18.63 -25.89
C SER B 28 36.48 18.14 -24.44
N PHE B 29 36.96 16.89 -24.18
CA PHE B 29 36.90 16.29 -22.84
C PHE B 29 37.61 17.14 -21.78
N ASN B 30 38.82 17.62 -22.10
CA ASN B 30 39.66 18.39 -21.19
C ASN B 30 39.16 19.78 -20.78
N THR B 31 38.09 20.30 -21.37
CA THR B 31 37.54 21.60 -20.96
C THR B 31 36.19 21.39 -20.28
N ASN B 32 35.86 20.14 -19.91
CA ASN B 32 34.55 19.86 -19.30
C ASN B 32 34.60 19.22 -17.93
N ALA B 33 33.62 19.61 -17.08
CA ALA B 33 33.39 19.00 -15.77
C ALA B 33 32.57 17.73 -16.03
N MET B 34 32.88 16.66 -15.33
CA MET B 34 32.20 15.39 -15.61
C MET B 34 31.53 14.88 -14.37
N ASN B 35 30.48 14.07 -14.54
CA ASN B 35 29.77 13.51 -13.40
C ASN B 35 29.52 12.01 -13.55
N TRP B 36 29.25 11.34 -12.40
CA TRP B 36 28.73 9.99 -12.34
C TRP B 36 27.38 10.10 -11.68
N VAL B 37 26.36 9.49 -12.31
CA VAL B 37 24.96 9.41 -11.84
C VAL B 37 24.55 7.92 -11.84
N ARG B 38 23.89 7.44 -10.78
CA ARG B 38 23.51 6.02 -10.75
C ARG B 38 22.02 5.83 -10.61
N GLN B 39 21.53 4.63 -10.93
CA GLN B 39 20.11 4.32 -10.84
C GLN B 39 19.96 2.87 -10.40
N ALA B 40 19.49 2.62 -9.18
CA ALA B 40 19.22 1.29 -8.65
C ALA B 40 18.09 0.67 -9.51
N PRO B 41 18.08 -0.67 -9.78
CA PRO B 41 17.03 -1.23 -10.66
C PRO B 41 15.59 -0.89 -10.23
N GLY B 42 14.83 -0.32 -11.17
CA GLY B 42 13.44 0.12 -10.94
C GLY B 42 13.27 1.34 -10.04
N LYS B 43 14.37 2.08 -9.77
CA LYS B 43 14.37 3.26 -8.90
C LYS B 43 14.74 4.55 -9.67
N GLY B 44 14.83 5.66 -8.95
CA GLY B 44 15.16 6.93 -9.59
C GLY B 44 16.65 7.19 -9.74
N LEU B 45 17.00 8.37 -10.23
CA LEU B 45 18.39 8.79 -10.41
C LEU B 45 18.98 9.38 -9.14
N GLU B 46 20.29 9.15 -8.93
CA GLU B 46 20.99 9.68 -7.76
C GLU B 46 22.36 10.13 -8.20
N TRP B 47 22.67 11.41 -8.01
CA TRP B 47 24.01 11.96 -8.35
C TRP B 47 25.05 11.36 -7.38
N VAL B 48 26.20 10.94 -7.91
CA VAL B 48 27.26 10.27 -7.14
C VAL B 48 28.49 11.15 -6.93
N ALA B 49 29.10 11.64 -8.02
CA ALA B 49 30.36 12.37 -7.93
C ALA B 49 30.58 13.29 -9.10
N ARG B 50 31.46 14.29 -8.92
CA ARG B 50 31.79 15.31 -9.95
C ARG B 50 33.27 15.61 -9.90
N ILE B 51 33.87 15.88 -11.08
CA ILE B 51 35.25 16.30 -11.19
C ILE B 51 35.31 17.46 -12.20
N ARG B 52 35.93 18.56 -11.79
CA ARG B 52 36.07 19.71 -12.68
C ARG B 52 37.29 19.52 -13.60
N SER B 53 37.45 20.44 -14.58
CA SER B 53 38.57 20.37 -15.52
C SER B 53 39.84 20.98 -14.88
N LYS B 54 40.97 20.88 -15.58
CA LYS B 54 42.28 21.41 -15.14
C LYS B 54 42.27 22.88 -14.78
N ILE B 55 41.52 23.74 -15.51
CA ILE B 55 41.45 25.17 -15.15
C ILE B 55 40.93 25.38 -13.71
N ASN B 56 40.07 24.45 -13.22
CA ASN B 56 39.56 24.52 -11.85
C ASN B 56 40.27 23.53 -10.93
N ASN B 57 41.53 23.18 -11.30
CA ASN B 57 42.42 22.29 -10.53
C ASN B 57 41.81 20.93 -10.14
N TYR B 58 40.93 20.39 -11.03
CA TYR B 58 40.30 19.09 -10.88
C TYR B 58 39.56 18.91 -9.56
N SER B 59 38.84 19.96 -9.09
CA SER B 59 38.08 19.92 -7.84
C SER B 59 37.12 18.73 -7.88
N THR B 60 37.02 17.98 -6.75
CA THR B 60 36.11 16.82 -6.68
C THR B 60 35.00 16.99 -5.64
N TYR B 61 33.82 16.39 -5.91
CA TYR B 61 32.64 16.47 -5.05
C TYR B 61 31.97 15.11 -5.01
N TYR B 62 31.44 14.74 -3.84
CA TYR B 62 30.81 13.43 -3.66
C TYR B 62 29.54 13.53 -2.88
N ALA B 63 28.58 12.62 -3.15
CA ALA B 63 27.36 12.48 -2.36
C ALA B 63 27.79 11.85 -1.01
N ASP B 64 27.10 12.20 0.10
CA ASP B 64 27.40 11.67 1.45
C ASP B 64 27.43 10.16 1.50
N SER B 65 26.55 9.49 0.74
CA SER B 65 26.44 8.03 0.66
C SER B 65 27.69 7.30 0.13
N VAL B 66 28.57 8.01 -0.63
CA VAL B 66 29.77 7.41 -1.23
C VAL B 66 31.07 8.06 -0.78
N LYS B 67 30.99 9.24 -0.15
CA LYS B 67 32.16 10.03 0.28
C LYS B 67 33.10 9.16 1.16
N ASP B 68 34.42 9.16 0.83
CA ASP B 68 35.49 8.38 1.49
C ASP B 68 35.62 6.91 1.01
N ARG B 69 34.59 6.36 0.30
CA ARG B 69 34.61 5.00 -0.26
C ARG B 69 34.92 5.03 -1.77
N PHE B 70 34.43 6.08 -2.45
CA PHE B 70 34.57 6.24 -3.90
C PHE B 70 35.56 7.32 -4.24
N THR B 71 36.30 7.12 -5.36
CA THR B 71 37.25 8.11 -5.85
C THR B 71 36.99 8.37 -7.35
N ILE B 72 36.66 9.63 -7.70
CA ILE B 72 36.51 10.07 -9.09
C ILE B 72 37.87 10.62 -9.57
N SER B 73 38.29 10.24 -10.77
CA SER B 73 39.56 10.68 -11.33
C SER B 73 39.44 10.78 -12.85
N ARG B 74 40.43 11.40 -13.48
CA ARG B 74 40.44 11.54 -14.93
C ARG B 74 41.84 11.44 -15.50
N ASP B 75 41.92 11.06 -16.78
CA ASP B 75 43.15 11.03 -17.53
C ASP B 75 42.89 11.76 -18.84
N ASP B 76 43.14 13.07 -18.85
CA ASP B 76 42.91 13.93 -20.00
C ASP B 76 43.67 13.50 -21.26
N SER B 77 44.93 13.07 -21.13
CA SER B 77 45.73 12.58 -22.27
C SER B 77 45.06 11.39 -23.02
N GLN B 78 44.22 10.61 -22.32
CA GLN B 78 43.50 9.44 -22.88
C GLN B 78 41.99 9.62 -23.04
N SER B 79 41.46 10.81 -22.68
CA SER B 79 40.05 11.18 -22.68
C SER B 79 39.21 10.18 -21.83
N MET B 80 39.78 9.77 -20.67
CA MET B 80 39.15 8.80 -19.76
C MET B 80 38.71 9.43 -18.42
N LEU B 81 37.54 9.01 -17.97
CA LEU B 81 36.95 9.34 -16.68
C LEU B 81 36.90 8.03 -15.88
N TYR B 82 37.17 8.07 -14.56
CA TYR B 82 37.14 6.82 -13.77
C TYR B 82 36.32 6.97 -12.50
N LEU B 83 35.91 5.83 -11.92
CA LEU B 83 35.26 5.80 -10.63
C LEU B 83 35.73 4.55 -9.91
N GLN B 84 36.61 4.72 -8.89
CA GLN B 84 37.13 3.63 -8.05
C GLN B 84 36.17 3.49 -6.88
N MET B 85 35.63 2.29 -6.66
CA MET B 85 34.67 2.06 -5.58
C MET B 85 35.22 1.02 -4.61
N ASN B 86 35.37 1.38 -3.34
CA ASN B 86 35.85 0.45 -2.30
C ASN B 86 34.74 0.17 -1.31
N ASN B 87 34.89 -0.91 -0.50
CA ASN B 87 33.93 -1.34 0.51
C ASN B 87 32.47 -1.24 0.03
N LEU B 88 32.21 -1.90 -1.10
CA LEU B 88 30.89 -1.91 -1.73
C LEU B 88 29.83 -2.59 -0.90
N LYS B 89 28.62 -2.02 -0.92
CA LYS B 89 27.45 -2.44 -0.17
C LYS B 89 26.34 -2.81 -1.15
N THR B 90 25.35 -3.65 -0.72
CA THR B 90 24.27 -4.07 -1.61
C THR B 90 23.47 -2.87 -2.14
N GLU B 91 23.40 -1.77 -1.36
CA GLU B 91 22.75 -0.52 -1.77
C GLU B 91 23.51 0.21 -2.89
N ASP B 92 24.72 -0.24 -3.21
CA ASP B 92 25.49 0.34 -4.32
C ASP B 92 25.12 -0.29 -5.68
N THR B 93 24.26 -1.34 -5.66
CA THR B 93 23.79 -2.02 -6.87
C THR B 93 23.01 -1.00 -7.69
N ALA B 94 23.41 -0.81 -8.96
CA ALA B 94 22.83 0.20 -9.84
C ALA B 94 23.43 0.18 -11.24
N MET B 95 22.75 0.91 -12.16
CA MET B 95 23.33 1.20 -13.48
C MET B 95 24.09 2.53 -13.23
N TYR B 96 25.39 2.62 -13.61
CA TYR B 96 26.21 3.82 -13.40
C TYR B 96 26.43 4.53 -14.74
N TYR B 97 26.04 5.82 -14.81
CA TYR B 97 26.16 6.63 -16.03
C TYR B 97 27.27 7.63 -15.88
N CYS B 98 28.05 7.81 -16.94
CA CYS B 98 29.10 8.81 -17.10
C CYS B 98 28.33 9.98 -17.75
N VAL B 99 28.51 11.24 -17.27
CA VAL B 99 27.78 12.39 -17.78
C VAL B 99 28.70 13.61 -18.00
N ARG B 100 28.63 14.25 -19.19
CA ARG B 100 29.33 15.52 -19.42
C ARG B 100 28.36 16.57 -18.87
N GLY B 101 28.78 17.28 -17.82
CA GLY B 101 27.91 18.24 -17.15
C GLY B 101 26.63 17.55 -16.73
N THR B 102 25.49 18.01 -17.26
CA THR B 102 24.16 17.41 -16.99
C THR B 102 23.51 17.00 -18.33
N THR B 103 24.24 17.14 -19.44
CA THR B 103 23.72 17.01 -20.82
C THR B 103 24.08 15.78 -21.65
N TYR B 104 25.35 15.33 -21.65
CA TYR B 104 25.68 14.17 -22.51
C TYR B 104 25.81 12.95 -21.58
N TRP B 105 24.94 11.94 -21.79
CA TRP B 105 24.90 10.73 -20.99
C TRP B 105 25.37 9.49 -21.77
N GLY B 106 26.10 8.62 -21.10
CA GLY B 106 26.53 7.36 -21.70
C GLY B 106 25.38 6.37 -21.65
N GLN B 107 25.59 5.14 -22.16
CA GLN B 107 24.56 4.09 -22.11
C GLN B 107 24.48 3.44 -20.73
N GLY B 108 25.52 3.62 -19.89
CA GLY B 108 25.54 3.07 -18.54
C GLY B 108 26.20 1.69 -18.45
N THR B 109 26.73 1.35 -17.27
CA THR B 109 27.33 0.05 -16.96
C THR B 109 26.71 -0.47 -15.64
N LEU B 110 26.29 -1.75 -15.62
CA LEU B 110 25.62 -2.32 -14.46
C LEU B 110 26.55 -2.90 -13.41
N VAL B 111 26.40 -2.45 -12.16
CA VAL B 111 27.19 -2.93 -11.02
C VAL B 111 26.25 -3.74 -10.11
N THR B 112 26.52 -5.04 -9.93
CA THR B 112 25.66 -5.85 -9.06
C THR B 112 26.50 -6.21 -7.85
N VAL B 113 26.08 -5.75 -6.66
CA VAL B 113 26.78 -6.03 -5.39
C VAL B 113 26.04 -7.13 -4.67
N SER B 114 26.59 -8.36 -4.69
CA SER B 114 25.87 -9.51 -4.14
C SER B 114 26.77 -10.64 -3.77
N ALA B 115 26.34 -11.47 -2.78
CA ALA B 115 27.03 -12.69 -2.36
C ALA B 115 26.66 -13.88 -3.28
N ALA B 116 25.51 -13.77 -4.03
CA ALA B 116 25.10 -14.81 -5.00
C ALA B 116 26.17 -15.02 -6.10
N LYS B 117 26.29 -16.25 -6.63
CA LYS B 117 27.30 -16.60 -7.63
C LYS B 117 26.75 -16.60 -9.05
N THR B 118 27.63 -16.30 -10.03
CA THR B 118 27.32 -16.32 -11.45
C THR B 118 26.78 -17.72 -11.82
N THR B 119 25.57 -17.76 -12.41
CA THR B 119 24.90 -19.01 -12.78
C THR B 119 24.34 -18.91 -14.21
N PRO B 120 24.67 -19.85 -15.15
CA PRO B 120 24.10 -19.75 -16.50
C PRO B 120 22.61 -20.15 -16.53
N PRO B 121 21.82 -19.63 -17.50
CA PRO B 121 20.40 -20.02 -17.55
C PRO B 121 20.15 -21.36 -18.24
N SER B 122 18.95 -21.90 -18.02
CA SER B 122 18.40 -23.05 -18.74
C SER B 122 17.42 -22.42 -19.74
N VAL B 123 17.45 -22.87 -21.00
CA VAL B 123 16.63 -22.30 -22.07
C VAL B 123 15.61 -23.35 -22.52
N TYR B 124 14.32 -23.09 -22.24
CA TYR B 124 13.25 -24.01 -22.53
C TYR B 124 12.33 -23.52 -23.66
N PRO B 125 12.08 -24.34 -24.71
CA PRO B 125 11.17 -23.88 -25.77
C PRO B 125 9.71 -23.96 -25.30
N LEU B 126 8.87 -23.05 -25.76
CA LEU B 126 7.45 -23.01 -25.41
C LEU B 126 6.68 -23.18 -26.73
N ALA B 127 6.11 -24.36 -26.94
CA ALA B 127 5.36 -24.66 -28.15
C ALA B 127 3.92 -25.06 -27.84
N PRO B 128 2.94 -24.78 -28.74
CA PRO B 128 1.54 -25.19 -28.45
C PRO B 128 1.42 -26.70 -28.23
N GLY B 129 0.64 -27.08 -27.22
CA GLY B 129 0.47 -28.47 -26.82
C GLY B 129 -0.64 -29.26 -27.48
N SER B 130 -1.54 -29.79 -26.63
CA SER B 130 -2.67 -30.66 -26.97
C SER B 130 -3.66 -30.12 -28.03
N ALA B 131 -4.44 -29.08 -27.67
CA ALA B 131 -5.46 -28.49 -28.55
C ALA B 131 -4.88 -27.57 -29.66
N ALA B 132 -5.63 -26.50 -30.04
CA ALA B 132 -5.30 -25.49 -31.06
C ALA B 132 -4.96 -26.07 -32.45
N GLN B 133 -5.97 -26.12 -33.33
CA GLN B 133 -5.84 -26.62 -34.70
C GLN B 133 -5.10 -25.58 -35.55
N THR B 134 -5.85 -24.61 -36.11
CA THR B 134 -5.35 -23.48 -36.92
C THR B 134 -6.12 -22.23 -36.53
N ASN B 135 -5.45 -21.34 -35.77
CA ASN B 135 -6.04 -20.08 -35.27
C ASN B 135 -5.51 -18.85 -36.03
N SER B 136 -4.98 -19.08 -37.26
CA SER B 136 -4.38 -18.10 -38.19
C SER B 136 -3.11 -17.40 -37.68
N MET B 137 -3.03 -17.14 -36.36
CA MET B 137 -1.87 -16.53 -35.71
C MET B 137 -1.41 -17.49 -34.63
N VAL B 138 -0.12 -17.83 -34.61
CA VAL B 138 0.42 -18.76 -33.61
C VAL B 138 1.39 -18.07 -32.65
N THR B 139 1.27 -18.37 -31.36
CA THR B 139 2.18 -17.80 -30.36
C THR B 139 3.16 -18.88 -29.89
N LEU B 140 4.45 -18.59 -30.00
CA LEU B 140 5.56 -19.46 -29.55
C LEU B 140 6.36 -18.66 -28.50
N GLY B 141 7.15 -19.36 -27.69
CA GLY B 141 7.97 -18.72 -26.69
C GLY B 141 9.23 -19.45 -26.29
N CYS B 142 9.97 -18.82 -25.37
CA CYS B 142 11.20 -19.30 -24.75
C CYS B 142 11.21 -18.81 -23.31
N LEU B 143 11.43 -19.75 -22.37
CA LEU B 143 11.51 -19.52 -20.93
C LEU B 143 13.00 -19.63 -20.56
N VAL B 144 13.57 -18.53 -20.02
CA VAL B 144 14.99 -18.46 -19.66
C VAL B 144 15.03 -18.45 -18.12
N LYS B 145 15.32 -19.60 -17.54
CA LYS B 145 15.24 -19.82 -16.11
C LYS B 145 16.57 -19.98 -15.34
N GLY B 146 16.58 -19.49 -14.10
CA GLY B 146 17.66 -19.66 -13.13
C GLY B 146 19.04 -19.13 -13.45
N TYR B 147 19.15 -17.85 -13.83
CA TYR B 147 20.46 -17.26 -14.10
C TYR B 147 20.79 -16.15 -13.13
N PHE B 148 22.07 -15.76 -13.08
CA PHE B 148 22.55 -14.66 -12.25
C PHE B 148 23.94 -14.29 -12.74
N PRO B 149 24.31 -13.00 -12.81
CA PRO B 149 23.46 -11.80 -12.57
C PRO B 149 22.78 -11.41 -13.89
N GLU B 150 22.08 -10.24 -13.87
CA GLU B 150 21.51 -9.64 -15.06
C GLU B 150 22.67 -9.06 -15.87
N PRO B 151 22.55 -8.88 -17.20
CA PRO B 151 21.36 -9.11 -18.04
C PRO B 151 21.40 -10.37 -18.91
N VAL B 152 20.26 -10.68 -19.56
CA VAL B 152 20.09 -11.72 -20.58
C VAL B 152 19.39 -10.97 -21.72
N THR B 153 19.72 -11.31 -22.98
CA THR B 153 19.06 -10.74 -24.16
C THR B 153 18.44 -11.86 -24.96
N VAL B 154 17.30 -11.57 -25.59
CA VAL B 154 16.62 -12.55 -26.45
C VAL B 154 16.35 -11.89 -27.81
N THR B 155 16.65 -12.61 -28.89
CA THR B 155 16.32 -12.21 -30.26
C THR B 155 15.67 -13.41 -30.88
N TRP B 156 14.95 -13.22 -31.98
CA TRP B 156 14.28 -14.30 -32.69
C TRP B 156 14.82 -14.26 -34.14
N ASN B 157 15.31 -15.41 -34.65
CA ASN B 157 15.94 -15.54 -35.99
C ASN B 157 17.08 -14.52 -36.21
N SER B 158 17.91 -14.31 -35.16
CA SER B 158 19.06 -13.39 -35.15
C SER B 158 18.71 -11.90 -35.35
N GLY B 159 17.45 -11.53 -35.09
CA GLY B 159 16.96 -10.17 -35.22
C GLY B 159 16.07 -9.93 -36.43
N SER B 160 15.87 -10.98 -37.25
CA SER B 160 15.04 -10.94 -38.47
C SER B 160 13.56 -10.91 -38.10
N LEU B 161 13.16 -11.66 -37.06
CA LEU B 161 11.79 -11.66 -36.52
C LEU B 161 11.81 -10.60 -35.41
N SER B 162 11.30 -9.41 -35.72
CA SER B 162 11.26 -8.29 -34.78
C SER B 162 9.85 -7.89 -34.40
N SER B 163 8.87 -8.17 -35.29
CA SER B 163 7.45 -7.83 -35.07
C SER B 163 6.75 -8.96 -34.33
N GLY B 164 5.86 -8.59 -33.42
CA GLY B 164 5.09 -9.54 -32.61
C GLY B 164 5.89 -10.15 -31.48
N VAL B 165 7.09 -9.60 -31.19
CA VAL B 165 8.01 -10.05 -30.14
C VAL B 165 7.74 -9.28 -28.84
N HIS B 166 7.49 -10.03 -27.75
CA HIS B 166 7.33 -9.46 -26.41
C HIS B 166 8.36 -10.12 -25.51
N THR B 167 9.33 -9.37 -25.01
CA THR B 167 10.35 -9.90 -24.09
C THR B 167 10.03 -9.32 -22.72
N PHE B 168 9.75 -10.18 -21.76
CA PHE B 168 9.32 -9.79 -20.41
C PHE B 168 10.49 -9.51 -19.48
N PRO B 169 10.44 -8.38 -18.72
CA PRO B 169 11.53 -8.09 -17.76
C PRO B 169 11.73 -9.21 -16.75
N ALA B 170 13.00 -9.47 -16.40
CA ALA B 170 13.38 -10.52 -15.47
C ALA B 170 12.83 -10.26 -14.11
N VAL B 171 12.51 -11.34 -13.38
CA VAL B 171 12.03 -11.26 -12.00
C VAL B 171 12.97 -12.12 -11.15
N LEU B 172 13.45 -11.53 -10.05
CA LEU B 172 14.37 -12.19 -9.11
C LEU B 172 13.62 -12.89 -7.99
N GLN B 173 13.82 -14.22 -7.88
CA GLN B 173 13.27 -15.04 -6.80
C GLN B 173 14.37 -15.95 -6.23
N SER B 174 14.78 -15.67 -4.98
CA SER B 174 15.80 -16.39 -4.22
C SER B 174 17.14 -16.51 -4.98
N ASP B 175 17.81 -15.37 -5.16
CA ASP B 175 19.09 -15.24 -5.84
C ASP B 175 19.20 -15.71 -7.30
N LEU B 176 18.05 -16.00 -7.97
CA LEU B 176 18.03 -16.37 -9.40
C LEU B 176 16.94 -15.67 -10.17
N TYR B 177 17.26 -15.20 -11.39
CA TYR B 177 16.33 -14.55 -12.29
C TYR B 177 15.67 -15.54 -13.24
N THR B 178 14.48 -15.16 -13.73
CA THR B 178 13.70 -15.87 -14.73
C THR B 178 13.10 -14.83 -15.65
N LEU B 179 13.28 -15.04 -16.96
CA LEU B 179 12.80 -14.15 -17.99
C LEU B 179 12.06 -15.02 -19.01
N SER B 180 11.15 -14.43 -19.79
CA SER B 180 10.49 -15.15 -20.86
C SER B 180 10.31 -14.22 -22.02
N SER B 181 10.13 -14.79 -23.21
CA SER B 181 9.91 -14.01 -24.43
C SER B 181 8.90 -14.75 -25.29
N SER B 182 8.01 -14.01 -25.96
CA SER B 182 7.00 -14.60 -26.84
C SER B 182 7.12 -13.99 -28.21
N VAL B 183 6.68 -14.74 -29.24
CA VAL B 183 6.64 -14.27 -30.64
C VAL B 183 5.33 -14.76 -31.28
N THR B 184 4.60 -13.86 -31.96
CA THR B 184 3.33 -14.19 -32.64
C THR B 184 3.53 -14.04 -34.14
N VAL B 185 3.36 -15.14 -34.87
CA VAL B 185 3.57 -15.17 -36.31
C VAL B 185 2.34 -15.77 -37.02
N PRO B 186 2.14 -15.55 -38.35
CA PRO B 186 1.01 -16.20 -39.02
C PRO B 186 1.25 -17.71 -39.07
N SER B 187 0.18 -18.50 -39.16
CA SER B 187 0.28 -19.95 -39.24
C SER B 187 0.97 -20.46 -40.53
N SER B 188 1.16 -19.57 -41.52
CA SER B 188 1.88 -19.92 -42.75
C SER B 188 3.41 -20.02 -42.55
N PRO B 189 4.16 -19.01 -42.00
CA PRO B 189 5.62 -19.20 -41.80
C PRO B 189 6.11 -20.17 -40.73
N ARG B 190 5.21 -20.96 -40.06
CA ARG B 190 5.63 -21.96 -39.07
C ARG B 190 4.60 -23.07 -38.85
N PRO B 191 4.98 -24.38 -38.79
CA PRO B 191 6.34 -24.98 -38.89
C PRO B 191 7.08 -24.91 -40.23
N SER B 192 6.38 -24.58 -41.34
CA SER B 192 6.95 -24.46 -42.69
C SER B 192 8.33 -23.78 -42.76
N GLU B 193 8.49 -22.64 -42.04
CA GLU B 193 9.74 -21.89 -41.96
C GLU B 193 10.30 -21.92 -40.53
N THR B 194 11.57 -21.51 -40.36
CA THR B 194 12.28 -21.57 -39.09
C THR B 194 12.04 -20.42 -38.09
N VAL B 195 11.71 -20.81 -36.85
CA VAL B 195 11.52 -19.92 -35.70
C VAL B 195 12.49 -20.36 -34.60
N THR B 196 13.56 -19.57 -34.38
CA THR B 196 14.53 -19.89 -33.33
C THR B 196 14.76 -18.75 -32.35
N CYS B 197 14.75 -19.03 -31.04
CA CYS B 197 15.09 -17.99 -30.06
C CYS B 197 16.59 -18.04 -29.73
N ASN B 198 17.27 -16.88 -29.81
CA ASN B 198 18.69 -16.73 -29.53
C ASN B 198 18.82 -16.04 -28.20
N VAL B 199 19.37 -16.75 -27.23
CA VAL B 199 19.55 -16.19 -25.89
C VAL B 199 21.01 -16.06 -25.50
N ALA B 200 21.37 -14.90 -24.96
CA ALA B 200 22.73 -14.63 -24.53
C ALA B 200 22.75 -14.17 -23.06
N HIS B 201 23.67 -14.72 -22.27
CA HIS B 201 23.93 -14.35 -20.89
C HIS B 201 25.44 -14.08 -20.87
N PRO B 202 25.86 -12.82 -21.21
CA PRO B 202 27.30 -12.53 -21.26
C PRO B 202 28.09 -12.76 -19.98
N ALA B 203 27.44 -12.69 -18.77
CA ALA B 203 28.16 -12.91 -17.51
C ALA B 203 28.74 -14.32 -17.37
N SER B 204 28.09 -15.33 -17.96
CA SER B 204 28.55 -16.72 -17.95
C SER B 204 29.03 -17.17 -19.34
N SER B 205 29.16 -16.24 -20.32
CA SER B 205 29.58 -16.49 -21.70
C SER B 205 28.71 -17.53 -22.40
N THR B 206 27.41 -17.51 -22.10
CA THR B 206 26.41 -18.44 -22.59
C THR B 206 25.68 -17.86 -23.81
N LYS B 207 25.59 -18.69 -24.90
CA LYS B 207 24.83 -18.39 -26.12
C LYS B 207 24.07 -19.65 -26.47
N VAL B 208 22.73 -19.58 -26.50
CA VAL B 208 21.87 -20.73 -26.77
C VAL B 208 20.87 -20.34 -27.84
N ASP B 209 20.89 -21.06 -28.98
CA ASP B 209 19.97 -20.85 -30.11
C ASP B 209 19.02 -22.03 -30.12
N LYS B 210 17.83 -21.87 -29.51
CA LYS B 210 16.77 -22.87 -29.41
C LYS B 210 15.75 -22.76 -30.55
N LYS B 211 15.63 -23.83 -31.36
CA LYS B 211 14.64 -23.95 -32.43
C LYS B 211 13.33 -24.38 -31.79
N ILE B 212 12.20 -23.77 -32.23
CA ILE B 212 10.87 -24.17 -31.72
C ILE B 212 10.30 -25.22 -32.67
N VAL B 213 10.01 -26.42 -32.12
CA VAL B 213 9.48 -27.57 -32.84
C VAL B 213 8.11 -28.00 -32.28
N PRO B 214 7.12 -28.34 -33.16
CA PRO B 214 5.78 -28.71 -32.67
C PRO B 214 5.68 -29.95 -31.79
N ARG B 215 4.71 -29.92 -30.86
CA ARG B 215 4.43 -31.04 -29.95
C ARG B 215 3.51 -32.04 -30.68
N ASP B 216 2.17 -31.88 -30.55
CA ASP B 216 1.12 -32.72 -31.15
C ASP B 216 1.38 -34.25 -31.10
N CYS B 217 1.96 -34.72 -29.96
CA CYS B 217 2.35 -36.10 -29.66
C CYS B 217 3.50 -36.62 -30.53
N ASP C 1 7.61 16.45 6.14
CA ASP C 1 6.16 16.62 6.06
C ASP C 1 5.66 17.59 7.12
N VAL C 2 4.53 18.28 6.83
CA VAL C 2 3.90 19.25 7.72
C VAL C 2 3.32 18.52 8.93
N VAL C 3 3.78 18.93 10.13
CA VAL C 3 3.34 18.36 11.41
C VAL C 3 2.16 19.20 11.91
N MET C 4 1.00 18.53 12.15
CA MET C 4 -0.24 19.11 12.66
C MET C 4 -0.39 18.70 14.13
N THR C 5 -0.44 19.68 15.05
CA THR C 5 -0.51 19.44 16.49
C THR C 5 -1.85 19.91 17.04
N GLN C 6 -2.62 18.99 17.63
CA GLN C 6 -3.92 19.34 18.18
C GLN C 6 -3.91 19.43 19.67
N THR C 7 -4.61 20.42 20.22
CA THR C 7 -4.74 20.61 21.67
C THR C 7 -6.16 21.07 22.00
N PRO C 8 -6.73 20.65 23.15
CA PRO C 8 -6.20 19.68 24.13
C PRO C 8 -6.34 18.26 23.58
N LEU C 9 -5.75 17.25 24.24
CA LEU C 9 -5.91 15.84 23.84
C LEU C 9 -7.35 15.42 24.09
N THR C 10 -7.93 15.89 25.22
CA THR C 10 -9.31 15.55 25.56
C THR C 10 -9.99 16.77 26.17
N LEU C 11 -11.30 16.86 25.98
CA LEU C 11 -12.12 17.91 26.60
C LEU C 11 -13.45 17.36 27.04
N SER C 12 -13.90 17.79 28.20
CA SER C 12 -15.14 17.35 28.80
C SER C 12 -16.06 18.58 28.95
N VAL C 13 -17.28 18.50 28.35
CA VAL C 13 -18.24 19.62 28.26
C VAL C 13 -19.68 19.14 28.49
N THR C 14 -20.48 19.93 29.22
CA THR C 14 -21.89 19.58 29.47
C THR C 14 -22.68 19.97 28.24
N ILE C 15 -23.90 19.42 28.09
CA ILE C 15 -24.81 19.83 27.00
C ILE C 15 -25.12 21.35 27.17
N GLY C 16 -25.01 22.15 26.10
CA GLY C 16 -25.28 23.58 26.18
C GLY C 16 -24.07 24.44 26.43
N GLN C 17 -22.94 23.81 26.83
CA GLN C 17 -21.71 24.57 27.10
C GLN C 17 -20.92 24.84 25.79
N PRO C 18 -20.21 26.00 25.65
CA PRO C 18 -19.34 26.18 24.47
C PRO C 18 -18.10 25.29 24.55
N ALA C 19 -17.43 25.06 23.40
CA ALA C 19 -16.20 24.27 23.29
C ALA C 19 -15.28 24.92 22.27
N SER C 20 -13.97 24.82 22.47
CA SER C 20 -12.94 25.36 21.58
C SER C 20 -11.76 24.42 21.53
N ILE C 21 -11.30 24.07 20.30
CA ILE C 21 -10.14 23.18 20.13
C ILE C 21 -9.15 23.79 19.15
N SER C 22 -7.85 23.56 19.35
CA SER C 22 -6.79 24.15 18.54
C SER C 22 -6.05 23.16 17.62
N CYS C 23 -5.55 23.67 16.47
CA CYS C 23 -4.76 22.92 15.49
C CYS C 23 -3.60 23.83 15.04
N LYS C 24 -2.36 23.42 15.31
CA LYS C 24 -1.16 24.19 14.91
C LYS C 24 -0.28 23.41 13.94
N SER C 25 0.19 24.07 12.86
CA SER C 25 1.05 23.46 11.85
C SER C 25 2.51 23.91 11.97
N SER C 26 3.47 23.05 11.56
CA SER C 26 4.93 23.29 11.62
C SER C 26 5.39 24.33 10.58
N GLN C 27 4.54 24.58 9.59
CA GLN C 27 4.76 25.45 8.44
C GLN C 27 3.43 26.13 8.14
N SER C 28 3.46 27.32 7.51
CA SER C 28 2.24 28.04 7.12
C SER C 28 1.42 27.25 6.12
N LEU C 29 0.08 27.24 6.29
CA LEU C 29 -0.84 26.52 5.41
C LEU C 29 -1.38 27.36 4.27
N LEU C 30 -0.90 28.61 4.17
CA LEU C 30 -1.26 29.51 3.08
C LEU C 30 -0.62 28.96 1.81
N ASP C 31 -1.46 28.59 0.83
CA ASP C 31 -1.03 28.00 -0.45
C ASP C 31 -0.72 29.10 -1.48
N SER C 32 0.03 28.74 -2.56
CA SER C 32 0.46 29.63 -3.64
C SER C 32 -0.68 30.35 -4.40
N ASP C 33 -1.91 29.79 -4.35
CA ASP C 33 -3.10 30.38 -4.95
C ASP C 33 -3.75 31.40 -3.96
N GLY C 34 -3.16 31.55 -2.78
CA GLY C 34 -3.65 32.45 -1.74
C GLY C 34 -4.69 31.84 -0.80
N LYS C 35 -5.04 30.56 -1.01
CA LYS C 35 -6.03 29.86 -0.19
C LYS C 35 -5.41 28.96 0.87
N THR C 36 -6.16 28.68 1.96
CA THR C 36 -5.66 27.84 3.06
C THR C 36 -6.58 26.62 3.17
N TYR C 37 -6.03 25.44 2.79
CA TYR C 37 -6.77 24.18 2.78
C TYR C 37 -6.69 23.47 4.12
N LEU C 38 -7.40 23.99 5.13
CA LEU C 38 -7.48 23.38 6.45
C LEU C 38 -8.91 22.85 6.62
N ASN C 39 -9.05 21.53 6.88
CA ASN C 39 -10.32 20.83 7.04
C ASN C 39 -10.50 20.35 8.48
N TRP C 40 -11.73 20.26 8.96
CA TRP C 40 -12.04 19.69 10.30
C TRP C 40 -13.02 18.56 10.08
N LEU C 41 -12.78 17.43 10.74
CA LEU C 41 -13.62 16.24 10.59
C LEU C 41 -13.98 15.70 11.97
N LEU C 42 -15.10 14.99 12.05
CA LEU C 42 -15.55 14.39 13.30
C LEU C 42 -15.73 12.91 13.07
N GLN C 43 -15.13 12.09 13.95
CA GLN C 43 -15.33 10.65 13.93
C GLN C 43 -16.06 10.25 15.21
N ARG C 44 -17.38 9.96 15.10
CA ARG C 44 -18.16 9.54 16.28
C ARG C 44 -17.77 8.11 16.68
N PRO C 45 -17.95 7.69 17.96
CA PRO C 45 -17.59 6.31 18.35
C PRO C 45 -18.22 5.26 17.44
N GLY C 46 -17.40 4.32 16.99
CA GLY C 46 -17.80 3.21 16.11
C GLY C 46 -18.20 3.59 14.69
N GLN C 47 -17.98 4.87 14.29
CA GLN C 47 -18.38 5.38 12.97
C GLN C 47 -17.19 5.77 12.06
N SER C 48 -17.50 6.07 10.78
CA SER C 48 -16.55 6.58 9.80
C SER C 48 -16.45 8.09 10.03
N PRO C 49 -15.34 8.75 9.68
CA PRO C 49 -15.28 10.23 9.83
C PRO C 49 -16.24 10.90 8.85
N LYS C 50 -16.60 12.15 9.16
CA LYS C 50 -17.37 13.01 8.27
C LYS C 50 -16.75 14.41 8.36
N ARG C 51 -16.69 15.15 7.23
CA ARG C 51 -16.10 16.49 7.22
C ARG C 51 -17.14 17.50 7.69
N LEU C 52 -16.72 18.47 8.51
CA LEU C 52 -17.61 19.52 9.02
C LEU C 52 -17.29 20.86 8.37
N ILE C 53 -15.99 21.21 8.33
CA ILE C 53 -15.47 22.50 7.85
C ILE C 53 -14.34 22.30 6.84
N TYR C 54 -14.30 23.13 5.79
CA TYR C 54 -13.24 23.17 4.77
C TYR C 54 -12.80 24.60 4.55
N LEU C 55 -11.63 24.81 3.93
CA LEU C 55 -11.06 26.14 3.65
C LEU C 55 -11.07 27.06 4.91
N VAL C 56 -10.66 26.47 6.06
CA VAL C 56 -10.53 27.09 7.38
C VAL C 56 -11.86 27.36 8.08
N SER C 57 -12.76 28.06 7.39
CA SER C 57 -14.00 28.57 7.98
C SER C 57 -15.29 28.30 7.23
N LYS C 58 -15.27 27.46 6.18
CA LYS C 58 -16.47 27.17 5.40
C LYS C 58 -17.20 25.92 5.90
N LEU C 59 -18.52 26.00 6.05
CA LEU C 59 -19.34 24.93 6.60
C LEU C 59 -19.89 24.03 5.53
N ASP C 60 -19.74 22.69 5.71
CA ASP C 60 -20.28 21.72 4.77
C ASP C 60 -21.80 21.72 4.85
N SER C 61 -22.46 21.24 3.77
CA SER C 61 -23.92 21.20 3.68
C SER C 61 -24.49 20.29 4.75
N GLY C 62 -25.51 20.78 5.46
CA GLY C 62 -26.15 20.05 6.53
C GLY C 62 -25.43 20.06 7.86
N VAL C 63 -24.38 20.91 8.00
CA VAL C 63 -23.60 21.02 9.24
C VAL C 63 -24.15 22.20 10.07
N PRO C 64 -24.60 21.95 11.33
CA PRO C 64 -25.18 23.05 12.15
C PRO C 64 -24.31 24.28 12.26
N ASP C 65 -24.93 25.48 12.30
CA ASP C 65 -24.20 26.75 12.45
C ASP C 65 -23.56 26.94 13.86
N ARG C 66 -23.71 25.93 14.75
CA ARG C 66 -23.08 25.87 16.09
C ARG C 66 -21.57 25.72 15.93
N PHE C 67 -21.11 25.15 14.78
CA PHE C 67 -19.69 24.98 14.45
C PHE C 67 -19.13 26.20 13.72
N THR C 68 -17.91 26.63 14.08
CA THR C 68 -17.21 27.76 13.47
C THR C 68 -15.74 27.46 13.40
N GLY C 69 -15.18 27.61 12.20
CA GLY C 69 -13.76 27.44 12.00
C GLY C 69 -13.10 28.80 11.85
N SER C 70 -11.90 28.97 12.39
CA SER C 70 -11.14 30.22 12.29
C SER C 70 -9.62 29.96 12.26
N GLY C 71 -8.85 31.02 12.00
CA GLY C 71 -7.38 30.97 12.01
C GLY C 71 -6.72 31.33 10.69
N SER C 72 -5.38 31.38 10.71
CA SER C 72 -4.54 31.69 9.55
C SER C 72 -3.10 31.27 9.79
N GLY C 73 -2.34 31.09 8.71
CA GLY C 73 -0.94 30.72 8.77
C GLY C 73 -0.70 29.36 9.40
N THR C 74 -0.22 29.37 10.65
CA THR C 74 0.11 28.16 11.39
C THR C 74 -0.84 27.87 12.58
N ASP C 75 -1.85 28.74 12.85
CA ASP C 75 -2.74 28.64 14.02
C ASP C 75 -4.22 28.62 13.68
N PHE C 76 -4.93 27.49 14.00
CA PHE C 76 -6.35 27.31 13.67
C PHE C 76 -7.17 26.82 14.88
N THR C 77 -8.48 27.11 14.85
CA THR C 77 -9.41 26.78 15.92
C THR C 77 -10.78 26.38 15.39
N LEU C 78 -11.41 25.40 16.09
CA LEU C 78 -12.77 24.98 15.82
C LEU C 78 -13.55 25.28 17.11
N LYS C 79 -14.66 25.99 16.96
CA LYS C 79 -15.50 26.33 18.12
C LYS C 79 -16.88 25.80 17.92
N ILE C 80 -17.50 25.34 19.03
CA ILE C 80 -18.87 24.87 19.08
C ILE C 80 -19.58 25.88 20.03
N SER C 81 -20.60 26.59 19.53
CA SER C 81 -21.32 27.64 20.29
C SER C 81 -22.00 27.06 21.53
N ARG C 82 -22.63 25.88 21.39
CA ARG C 82 -23.27 25.12 22.46
C ARG C 82 -23.34 23.65 22.09
N VAL C 83 -22.76 22.82 22.93
CA VAL C 83 -22.64 21.39 22.71
C VAL C 83 -23.94 20.63 22.81
N GLU C 84 -24.12 19.66 21.88
CA GLU C 84 -25.23 18.72 21.85
C GLU C 84 -24.64 17.32 22.06
N ALA C 85 -25.47 16.36 22.53
CA ALA C 85 -25.03 15.00 22.83
C ALA C 85 -24.34 14.27 21.64
N GLU C 86 -24.74 14.61 20.39
CA GLU C 86 -24.22 14.03 19.13
C GLU C 86 -22.82 14.54 18.75
N ASP C 87 -22.33 15.58 19.44
CA ASP C 87 -21.01 16.15 19.18
C ASP C 87 -19.86 15.29 19.72
N LEU C 88 -20.16 14.21 20.48
CA LEU C 88 -19.11 13.36 21.07
C LEU C 88 -18.25 12.68 19.99
N GLY C 89 -17.01 12.40 20.33
CA GLY C 89 -16.11 11.69 19.42
C GLY C 89 -14.79 12.40 19.26
N VAL C 90 -14.06 12.00 18.22
CA VAL C 90 -12.73 12.56 18.00
C VAL C 90 -12.76 13.50 16.83
N TYR C 91 -12.24 14.71 17.06
CA TYR C 91 -12.13 15.77 16.05
C TYR C 91 -10.73 15.77 15.49
N TYR C 92 -10.60 15.76 14.16
CA TYR C 92 -9.31 15.77 13.46
C TYR C 92 -9.17 16.98 12.55
N CYS C 93 -7.99 17.61 12.52
CA CYS C 93 -7.72 18.64 11.52
C CYS C 93 -6.90 17.93 10.42
N TRP C 94 -7.14 18.29 9.16
CA TRP C 94 -6.50 17.67 7.99
C TRP C 94 -6.11 18.77 7.04
N GLN C 95 -4.79 18.93 6.77
CA GLN C 95 -4.31 19.96 5.87
C GLN C 95 -4.16 19.43 4.45
N GLY C 96 -4.65 20.21 3.49
CA GLY C 96 -4.55 19.89 2.07
C GLY C 96 -3.73 20.88 1.27
N SER C 97 -2.99 21.78 1.93
CA SER C 97 -2.18 22.80 1.25
C SER C 97 -0.81 22.29 0.79
N HIS C 98 -0.24 21.33 1.52
CA HIS C 98 1.07 20.77 1.21
C HIS C 98 1.01 19.25 1.13
N PHE C 99 1.73 18.69 0.15
CA PHE C 99 1.83 17.25 -0.07
C PHE C 99 2.98 16.68 0.80
N PRO C 100 2.82 15.53 1.51
CA PRO C 100 1.60 14.72 1.71
C PRO C 100 0.58 15.39 2.63
N TYR C 101 -0.71 15.06 2.43
CA TYR C 101 -1.87 15.62 3.15
C TYR C 101 -1.97 15.03 4.55
N THR C 102 -1.49 15.79 5.56
CA THR C 102 -1.36 15.33 6.95
C THR C 102 -2.48 15.69 7.89
N PHE C 103 -2.68 14.81 8.90
CA PHE C 103 -3.70 14.95 9.94
C PHE C 103 -3.07 15.31 11.26
N GLY C 104 -3.85 15.97 12.10
CA GLY C 104 -3.52 16.19 13.50
C GLY C 104 -3.78 14.89 14.24
N GLY C 105 -3.36 14.81 15.50
CA GLY C 105 -3.47 13.58 16.29
C GLY C 105 -4.84 13.31 16.89
N GLY C 106 -5.75 14.28 16.73
CA GLY C 106 -7.13 14.18 17.21
C GLY C 106 -7.34 14.75 18.60
N THR C 107 -8.56 15.27 18.85
CA THR C 107 -9.02 15.80 20.16
C THR C 107 -10.32 15.05 20.49
N LYS C 108 -10.33 14.37 21.63
CA LYS C 108 -11.53 13.63 22.00
C LYS C 108 -12.46 14.48 22.82
N LEU C 109 -13.71 14.65 22.34
CA LEU C 109 -14.72 15.41 23.08
C LEU C 109 -15.59 14.42 23.84
N GLU C 110 -15.72 14.64 25.15
CA GLU C 110 -16.57 13.86 26.04
C GLU C 110 -17.74 14.71 26.52
N ILE C 111 -18.96 14.13 26.50
CA ILE C 111 -20.15 14.81 27.05
C ILE C 111 -20.18 14.62 28.57
N LYS C 112 -20.20 15.73 29.33
CA LYS C 112 -20.28 15.65 30.79
C LYS C 112 -21.75 15.65 31.21
N ARG C 113 -22.32 14.45 31.34
CA ARG C 113 -23.68 14.22 31.79
C ARG C 113 -23.71 14.11 33.33
N ALA C 114 -24.89 13.95 33.95
CA ALA C 114 -24.97 13.76 35.42
C ALA C 114 -24.26 12.46 35.79
N ASP C 115 -23.60 12.44 36.98
CA ASP C 115 -22.92 11.24 37.46
C ASP C 115 -23.97 10.10 37.61
N ALA C 116 -23.58 8.88 37.21
CA ALA C 116 -24.47 7.72 37.26
C ALA C 116 -23.73 6.54 37.84
N ALA C 117 -24.35 5.85 38.80
CA ALA C 117 -23.72 4.68 39.41
C ALA C 117 -23.82 3.48 38.45
N PRO C 118 -22.83 2.56 38.46
CA PRO C 118 -22.94 1.41 37.54
C PRO C 118 -23.97 0.39 38.00
N THR C 119 -24.47 -0.39 37.07
CA THR C 119 -25.34 -1.54 37.35
C THR C 119 -24.35 -2.71 37.23
N VAL C 120 -24.09 -3.39 38.36
CA VAL C 120 -23.09 -4.44 38.48
C VAL C 120 -23.69 -5.85 38.43
N SER C 121 -23.08 -6.78 37.67
CA SER C 121 -23.53 -8.16 37.56
C SER C 121 -22.32 -9.07 37.51
N ILE C 122 -22.31 -10.13 38.34
CA ILE C 122 -21.23 -11.12 38.37
C ILE C 122 -21.71 -12.48 37.79
N PHE C 123 -20.82 -13.16 37.07
CA PHE C 123 -21.09 -14.44 36.44
C PHE C 123 -20.03 -15.46 36.75
N PRO C 124 -20.44 -16.61 37.30
CA PRO C 124 -19.48 -17.71 37.49
C PRO C 124 -19.07 -18.26 36.11
N PRO C 125 -17.94 -19.01 36.01
CA PRO C 125 -17.57 -19.61 34.72
C PRO C 125 -18.66 -20.51 34.18
N SER C 126 -18.77 -20.59 32.85
CA SER C 126 -19.76 -21.49 32.25
C SER C 126 -19.27 -22.94 32.44
N SER C 127 -20.21 -23.92 32.60
CA SER C 127 -19.90 -25.35 32.75
C SER C 127 -19.11 -25.83 31.54
N GLU C 128 -19.41 -25.27 30.35
CA GLU C 128 -18.75 -25.59 29.08
C GLU C 128 -17.28 -25.21 29.13
N GLN C 129 -16.95 -24.02 29.66
CA GLN C 129 -15.55 -23.62 29.76
C GLN C 129 -14.78 -24.50 30.76
N LEU C 130 -15.37 -24.79 31.93
CA LEU C 130 -14.75 -25.62 32.98
C LEU C 130 -14.37 -27.02 32.49
N THR C 131 -15.17 -27.56 31.54
CA THR C 131 -14.98 -28.84 30.86
C THR C 131 -13.65 -28.84 30.07
N SER C 132 -13.20 -27.65 29.59
CA SER C 132 -11.94 -27.47 28.83
C SER C 132 -10.70 -27.10 29.66
N GLY C 133 -10.85 -26.95 30.98
CA GLY C 133 -9.74 -26.66 31.89
C GLY C 133 -9.45 -25.23 32.29
N GLY C 134 -10.24 -24.29 31.75
CA GLY C 134 -10.13 -22.86 32.05
C GLY C 134 -11.34 -22.36 32.81
N ALA C 135 -11.21 -21.22 33.51
CA ALA C 135 -12.28 -20.66 34.30
C ALA C 135 -12.26 -19.12 34.33
N SER C 136 -13.07 -18.47 33.48
CA SER C 136 -13.16 -17.01 33.45
C SER C 136 -14.39 -16.55 34.25
N VAL C 137 -14.18 -15.70 35.27
CA VAL C 137 -15.25 -15.15 36.11
C VAL C 137 -15.49 -13.77 35.51
N VAL C 138 -16.74 -13.41 35.21
CA VAL C 138 -17.01 -12.14 34.50
C VAL C 138 -17.84 -11.20 35.36
N CYS C 139 -17.47 -9.92 35.34
CA CYS C 139 -18.20 -8.87 36.05
C CYS C 139 -18.48 -7.74 35.04
N PHE C 140 -19.76 -7.33 34.87
CA PHE C 140 -20.12 -6.19 34.01
C PHE C 140 -20.49 -5.03 34.92
N LEU C 141 -20.01 -3.82 34.58
CA LEU C 141 -20.27 -2.55 35.31
C LEU C 141 -20.85 -1.67 34.22
N ASN C 142 -22.17 -1.64 34.13
CA ASN C 142 -22.84 -0.99 33.01
C ASN C 142 -23.45 0.36 33.27
N ASN C 143 -23.43 1.25 32.23
CA ASN C 143 -24.11 2.58 32.19
C ASN C 143 -23.74 3.51 33.36
N PHE C 144 -22.44 3.82 33.50
CA PHE C 144 -22.01 4.72 34.59
C PHE C 144 -21.36 5.97 34.02
N TYR C 145 -21.18 6.99 34.87
CA TYR C 145 -20.48 8.24 34.50
C TYR C 145 -20.03 8.88 35.83
N PRO C 146 -18.78 9.37 35.98
CA PRO C 146 -17.68 9.47 35.00
C PRO C 146 -17.00 8.13 34.64
N LYS C 147 -16.13 8.17 33.61
CA LYS C 147 -15.39 6.99 33.12
C LYS C 147 -14.49 6.30 34.19
N ASP C 148 -13.88 7.11 35.09
CA ASP C 148 -12.98 6.62 36.16
C ASP C 148 -13.73 5.75 37.15
N ILE C 149 -13.30 4.49 37.30
CA ILE C 149 -13.91 3.52 38.19
C ILE C 149 -12.86 2.51 38.57
N ASN C 150 -12.99 1.93 39.75
CA ASN C 150 -12.05 0.92 40.20
C ASN C 150 -12.80 -0.39 40.42
N VAL C 151 -12.25 -1.49 39.92
CA VAL C 151 -12.88 -2.80 40.14
C VAL C 151 -11.86 -3.66 40.87
N LYS C 152 -12.27 -4.30 41.95
CA LYS C 152 -11.45 -5.22 42.74
C LYS C 152 -12.10 -6.58 42.72
N TRP C 153 -11.31 -7.62 42.55
CA TRP C 153 -11.78 -9.01 42.66
C TRP C 153 -11.32 -9.50 44.01
N LYS C 154 -12.23 -10.12 44.76
CA LYS C 154 -11.91 -10.75 46.06
C LYS C 154 -12.24 -12.26 46.01
N ILE C 155 -11.27 -13.10 46.38
CA ILE C 155 -11.40 -14.57 46.42
C ILE C 155 -11.25 -14.95 47.88
N ASP C 156 -12.36 -15.39 48.52
CA ASP C 156 -12.41 -15.72 49.95
C ASP C 156 -11.88 -14.54 50.81
N GLY C 157 -12.31 -13.31 50.46
CA GLY C 157 -11.94 -12.08 51.16
C GLY C 157 -10.56 -11.49 50.85
N SER C 158 -9.75 -12.19 50.05
CA SER C 158 -8.41 -11.72 49.71
C SER C 158 -8.41 -11.12 48.29
N GLU C 159 -7.76 -9.95 48.10
CA GLU C 159 -7.73 -9.30 46.77
C GLU C 159 -6.91 -10.10 45.76
N ARG C 160 -7.45 -10.24 44.57
CA ARG C 160 -6.78 -10.95 43.47
C ARG C 160 -6.55 -9.96 42.32
N GLN C 161 -5.28 -9.83 41.86
CA GLN C 161 -4.96 -8.94 40.73
C GLN C 161 -4.40 -9.68 39.52
N ASN C 162 -3.67 -10.80 39.73
CA ASN C 162 -3.16 -11.55 38.58
C ASN C 162 -4.33 -12.25 37.84
N GLY C 163 -4.28 -12.18 36.51
CA GLY C 163 -5.27 -12.79 35.63
C GLY C 163 -6.48 -11.92 35.35
N VAL C 164 -6.49 -10.65 35.83
CA VAL C 164 -7.64 -9.77 35.53
C VAL C 164 -7.39 -8.86 34.33
N LEU C 165 -8.37 -8.79 33.40
CA LEU C 165 -8.27 -7.95 32.20
C LEU C 165 -9.55 -7.11 32.15
N ASN C 166 -9.41 -5.79 31.98
CA ASN C 166 -10.54 -4.84 31.96
C ASN C 166 -10.74 -4.23 30.58
N SER C 167 -12.00 -3.99 30.19
CA SER C 167 -12.29 -3.38 28.88
C SER C 167 -13.44 -2.37 29.00
N TRP C 168 -13.18 -1.12 28.64
CA TRP C 168 -14.20 -0.05 28.67
C TRP C 168 -14.75 0.16 27.28
N THR C 169 -16.04 0.45 27.17
CA THR C 169 -16.63 0.83 25.90
C THR C 169 -16.25 2.32 25.69
N ASP C 170 -16.48 2.84 24.48
CA ASP C 170 -16.35 4.28 24.23
C ASP C 170 -17.64 4.89 24.85
N GLN C 171 -17.73 6.22 24.90
CA GLN C 171 -18.94 6.88 25.41
C GLN C 171 -20.13 6.58 24.46
N ASP C 172 -21.32 6.32 25.01
CA ASP C 172 -22.52 6.03 24.21
C ASP C 172 -23.14 7.33 23.68
N SER C 173 -23.42 7.40 22.36
CA SER C 173 -23.99 8.61 21.73
C SER C 173 -25.38 9.01 22.27
N LYS C 174 -26.20 8.03 22.69
CA LYS C 174 -27.58 8.27 23.15
C LYS C 174 -27.71 8.58 24.65
N ASP C 175 -26.94 7.85 25.49
CA ASP C 175 -26.85 7.88 26.96
C ASP C 175 -25.80 8.81 27.57
N SER C 176 -24.68 9.00 26.86
CA SER C 176 -23.48 9.69 27.36
C SER C 176 -22.85 8.88 28.53
N THR C 177 -23.16 7.56 28.64
CA THR C 177 -22.57 6.73 29.71
C THR C 177 -21.45 5.86 29.14
N TYR C 178 -20.73 5.20 30.06
CA TYR C 178 -19.69 4.24 29.73
C TYR C 178 -20.11 2.88 30.34
N SER C 179 -19.53 1.79 29.83
CA SER C 179 -19.70 0.46 30.42
C SER C 179 -18.33 -0.21 30.41
N MET C 180 -18.10 -1.13 31.33
CA MET C 180 -16.81 -1.80 31.42
C MET C 180 -17.01 -3.28 31.83
N SER C 181 -16.16 -4.17 31.31
CA SER C 181 -16.17 -5.59 31.64
C SER C 181 -14.83 -5.86 32.37
N SER C 182 -14.88 -6.68 33.42
CA SER C 182 -13.68 -7.15 34.13
C SER C 182 -13.75 -8.67 34.10
N THR C 183 -12.70 -9.32 33.60
CA THR C 183 -12.67 -10.79 33.48
C THR C 183 -11.48 -11.33 34.25
N LEU C 184 -11.73 -12.22 35.24
CA LEU C 184 -10.65 -12.86 36.01
C LEU C 184 -10.50 -14.29 35.45
N THR C 185 -9.38 -14.59 34.79
CA THR C 185 -9.14 -15.93 34.23
C THR C 185 -8.18 -16.74 35.12
N LEU C 186 -8.66 -17.88 35.58
CA LEU C 186 -7.91 -18.83 36.42
C LEU C 186 -7.94 -20.18 35.70
N THR C 187 -7.18 -21.17 36.19
CA THR C 187 -7.28 -22.54 35.67
C THR C 187 -8.51 -23.14 36.39
N LYS C 188 -9.05 -24.27 35.89
CA LYS C 188 -10.13 -25.01 36.56
C LYS C 188 -9.70 -25.39 38.00
N ASP C 189 -8.43 -25.84 38.18
CA ASP C 189 -7.91 -26.24 39.51
C ASP C 189 -7.90 -25.09 40.51
N GLU C 190 -7.37 -23.91 40.10
CA GLU C 190 -7.32 -22.72 40.96
C GLU C 190 -8.71 -22.30 41.37
N TYR C 191 -9.63 -22.25 40.39
CA TYR C 191 -11.00 -21.83 40.61
C TYR C 191 -11.73 -22.70 41.64
N GLU C 192 -11.51 -24.03 41.54
CA GLU C 192 -12.13 -25.02 42.42
C GLU C 192 -11.54 -25.15 43.84
N ARG C 193 -10.42 -24.46 44.14
CA ARG C 193 -9.81 -24.46 45.48
C ARG C 193 -10.50 -23.40 46.35
N HIS C 194 -11.36 -22.55 45.76
CA HIS C 194 -11.98 -21.48 46.53
C HIS C 194 -13.50 -21.46 46.47
N ASN C 195 -14.11 -20.83 47.47
CA ASN C 195 -15.56 -20.78 47.57
C ASN C 195 -16.20 -19.44 47.19
N SER C 196 -15.78 -18.34 47.82
CA SER C 196 -16.38 -17.01 47.65
C SER C 196 -15.66 -16.12 46.62
N TYR C 197 -16.42 -15.65 45.61
CA TYR C 197 -15.90 -14.79 44.53
C TYR C 197 -16.69 -13.51 44.53
N THR C 198 -15.99 -12.38 44.62
CA THR C 198 -16.62 -11.06 44.69
C THR C 198 -15.99 -10.03 43.74
N CYS C 199 -16.81 -9.19 43.09
CA CYS C 199 -16.30 -8.03 42.37
C CYS C 199 -16.88 -6.80 43.04
N GLU C 200 -15.99 -5.87 43.39
CA GLU C 200 -16.32 -4.64 44.12
C GLU C 200 -16.02 -3.44 43.26
N ALA C 201 -17.03 -2.59 43.00
CA ALA C 201 -16.90 -1.40 42.16
C ALA C 201 -16.84 -0.15 43.05
N THR C 202 -15.77 0.65 42.94
CA THR C 202 -15.64 1.89 43.70
C THR C 202 -15.73 3.01 42.72
N HIS C 203 -16.67 3.93 42.95
CA HIS C 203 -16.98 5.03 42.04
C HIS C 203 -17.39 6.29 42.85
N LYS C 204 -17.22 7.47 42.26
CA LYS C 204 -17.57 8.72 42.96
C LYS C 204 -19.04 8.89 43.36
N THR C 205 -19.94 8.09 42.73
CA THR C 205 -21.37 8.13 43.01
C THR C 205 -21.81 7.54 44.36
N SER C 206 -20.91 6.84 45.08
CA SER C 206 -21.26 6.23 46.37
C SER C 206 -20.09 6.24 47.35
N THR C 207 -20.38 6.48 48.65
CA THR C 207 -19.36 6.49 49.70
C THR C 207 -18.83 5.06 49.94
N SER C 208 -19.70 4.05 49.74
CA SER C 208 -19.33 2.65 49.93
C SER C 208 -19.41 1.87 48.60
N PRO C 209 -18.51 0.89 48.36
CA PRO C 209 -18.54 0.15 47.08
C PRO C 209 -19.79 -0.67 46.79
N ILE C 210 -20.05 -0.96 45.49
CA ILE C 210 -21.15 -1.84 45.10
C ILE C 210 -20.48 -3.20 45.06
N VAL C 211 -21.03 -4.16 45.82
CA VAL C 211 -20.46 -5.49 45.96
C VAL C 211 -21.42 -6.54 45.40
N LYS C 212 -20.91 -7.34 44.46
CA LYS C 212 -21.67 -8.45 43.88
C LYS C 212 -20.86 -9.71 44.10
N SER C 213 -21.50 -10.79 44.57
CA SER C 213 -20.75 -12.01 44.85
C SER C 213 -21.53 -13.31 44.64
N PHE C 214 -20.82 -14.45 44.64
CA PHE C 214 -21.42 -15.79 44.56
C PHE C 214 -20.55 -16.76 45.34
N ASN C 215 -21.16 -17.84 45.83
CA ASN C 215 -20.45 -18.90 46.52
C ASN C 215 -20.55 -20.13 45.67
N ARG C 216 -19.43 -20.85 45.50
CA ARG C 216 -19.44 -22.10 44.73
C ARG C 216 -20.46 -23.13 45.33
N ASN C 217 -20.75 -23.02 46.65
CA ASN C 217 -21.78 -23.81 47.36
C ASN C 217 -23.11 -23.05 47.21
N GLU C 218 -23.88 -23.40 46.13
CA GLU C 218 -25.19 -22.86 45.70
C GLU C 218 -25.13 -22.05 44.38
N CYS C 219 -24.44 -22.62 43.37
CA CYS C 219 -24.28 -22.03 42.04
C CYS C 219 -25.51 -22.24 41.15
N GLU D 1 -28.29 9.45 -3.03
CA GLU D 1 -28.01 8.82 -1.74
C GLU D 1 -26.56 9.03 -1.27
N VAL D 2 -25.61 8.23 -1.80
CA VAL D 2 -24.15 8.17 -1.59
C VAL D 2 -23.75 6.97 -0.74
N GLN D 3 -23.08 5.98 -1.36
CA GLN D 3 -22.63 4.76 -0.72
C GLN D 3 -21.27 4.30 -1.26
N LEU D 4 -20.37 3.91 -0.33
CA LEU D 4 -19.04 3.39 -0.65
C LEU D 4 -18.84 2.12 0.17
N GLU D 5 -18.72 0.95 -0.47
CA GLU D 5 -18.59 -0.33 0.24
C GLU D 5 -17.25 -0.97 -0.04
N GLU D 6 -16.40 -0.99 1.00
CA GLU D 6 -15.08 -1.60 0.89
C GLU D 6 -15.15 -3.08 1.21
N SER D 7 -14.34 -3.88 0.48
CA SER D 7 -14.22 -5.33 0.70
C SER D 7 -12.78 -5.75 0.41
N GLY D 8 -12.45 -6.96 0.82
CA GLY D 8 -11.13 -7.55 0.57
C GLY D 8 -10.17 -7.58 1.74
N GLY D 9 -10.52 -6.91 2.83
CA GLY D 9 -9.70 -6.90 4.03
C GLY D 9 -9.74 -8.24 4.72
N ARG D 10 -8.66 -8.60 5.43
CA ARG D 10 -8.49 -9.87 6.12
C ARG D 10 -7.07 -10.03 6.69
N LEU D 11 -6.70 -11.27 7.08
CA LEU D 11 -5.38 -11.60 7.60
C LEU D 11 -4.44 -11.93 6.44
N VAL D 12 -3.24 -11.36 6.48
CA VAL D 12 -2.19 -11.56 5.47
C VAL D 12 -0.85 -11.67 6.18
N GLN D 13 -0.02 -12.62 5.75
CA GLN D 13 1.29 -12.84 6.35
C GLN D 13 2.25 -11.69 5.95
N PRO D 14 3.23 -11.31 6.81
CA PRO D 14 4.21 -10.28 6.39
C PRO D 14 4.87 -10.66 5.06
N LYS D 15 5.17 -9.64 4.25
CA LYS D 15 5.75 -9.73 2.88
C LYS D 15 4.72 -10.21 1.84
N GLY D 16 3.49 -10.47 2.29
CA GLY D 16 2.37 -10.90 1.45
C GLY D 16 1.67 -9.76 0.72
N SER D 17 0.63 -10.11 -0.06
CA SER D 17 -0.14 -9.20 -0.92
C SER D 17 -1.63 -9.26 -0.67
N LEU D 18 -2.33 -8.14 -0.90
CA LEU D 18 -3.80 -8.09 -0.75
C LEU D 18 -4.38 -7.01 -1.66
N LYS D 19 -5.57 -7.24 -2.23
CA LYS D 19 -6.22 -6.23 -3.06
C LYS D 19 -7.57 -5.82 -2.45
N LEU D 20 -7.73 -4.53 -2.17
CA LEU D 20 -8.98 -4.01 -1.63
C LEU D 20 -9.81 -3.46 -2.77
N SER D 21 -11.15 -3.58 -2.67
CA SER D 21 -12.09 -3.05 -3.64
C SER D 21 -13.05 -2.11 -2.92
N CYS D 22 -13.56 -1.11 -3.62
CA CYS D 22 -14.56 -0.16 -3.09
C CYS D 22 -15.61 0.04 -4.18
N ALA D 23 -16.86 -0.34 -3.90
CA ALA D 23 -17.98 -0.20 -4.83
C ALA D 23 -18.72 1.10 -4.50
N ALA D 24 -18.69 2.07 -5.43
CA ALA D 24 -19.31 3.39 -5.27
C ALA D 24 -20.68 3.48 -5.95
N SER D 25 -21.59 4.26 -5.38
CA SER D 25 -22.95 4.50 -5.93
C SER D 25 -23.55 5.76 -5.33
N GLY D 26 -24.53 6.33 -6.03
CA GLY D 26 -25.27 7.52 -5.61
C GLY D 26 -24.60 8.85 -5.88
N PHE D 27 -23.55 8.84 -6.74
CA PHE D 27 -22.83 10.05 -7.17
C PHE D 27 -22.09 9.80 -8.50
N SER D 28 -21.58 10.88 -9.15
CA SER D 28 -20.89 10.70 -10.43
C SER D 28 -19.42 10.25 -10.17
N PHE D 29 -19.19 8.94 -10.03
CA PHE D 29 -17.86 8.40 -9.74
C PHE D 29 -16.79 8.89 -10.74
N ASN D 30 -17.09 8.81 -12.06
CA ASN D 30 -16.15 9.18 -13.12
C ASN D 30 -15.63 10.60 -13.16
N THR D 31 -16.28 11.56 -12.44
CA THR D 31 -15.83 12.97 -12.42
C THR D 31 -15.26 13.35 -11.04
N ASN D 32 -14.92 12.35 -10.21
CA ASN D 32 -14.42 12.60 -8.87
C ASN D 32 -13.06 12.01 -8.62
N ALA D 33 -12.26 12.72 -7.81
CA ALA D 33 -10.97 12.26 -7.31
C ALA D 33 -11.32 11.38 -6.10
N MET D 34 -10.63 10.24 -5.95
CA MET D 34 -10.90 9.30 -4.86
C MET D 34 -9.64 9.09 -4.02
N ASN D 35 -9.80 8.71 -2.75
CA ASN D 35 -8.66 8.48 -1.87
C ASN D 35 -8.85 7.24 -1.03
N TRP D 36 -7.73 6.74 -0.47
CA TRP D 36 -7.72 5.70 0.55
C TRP D 36 -7.08 6.34 1.76
N VAL D 37 -7.68 6.15 2.94
CA VAL D 37 -7.16 6.70 4.21
C VAL D 37 -7.19 5.51 5.18
N ARG D 38 -6.19 5.40 6.07
CA ARG D 38 -6.21 4.27 7.00
C ARG D 38 -6.14 4.72 8.44
N GLN D 39 -6.49 3.80 9.35
CA GLN D 39 -6.50 4.08 10.78
C GLN D 39 -6.04 2.83 11.52
N ALA D 40 -4.82 2.89 12.07
CA ALA D 40 -4.22 1.80 12.84
C ALA D 40 -5.05 1.63 14.14
N PRO D 41 -5.19 0.39 14.67
CA PRO D 41 -6.05 0.18 15.86
C PRO D 41 -5.75 1.10 17.04
N GLY D 42 -6.76 1.87 17.46
CA GLY D 42 -6.64 2.83 18.54
C GLY D 42 -5.85 4.10 18.22
N LYS D 43 -5.46 4.31 16.93
CA LYS D 43 -4.65 5.46 16.52
C LYS D 43 -5.44 6.47 15.65
N GLY D 44 -4.73 7.48 15.15
CA GLY D 44 -5.31 8.50 14.30
C GLY D 44 -5.41 8.13 12.83
N LEU D 45 -5.91 9.06 12.02
CA LEU D 45 -6.09 8.86 10.58
C LEU D 45 -4.79 9.14 9.83
N GLU D 46 -4.55 8.39 8.74
CA GLU D 46 -3.36 8.54 7.91
C GLU D 46 -3.75 8.44 6.44
N TRP D 47 -3.53 9.51 5.64
CA TRP D 47 -3.82 9.48 4.20
C TRP D 47 -2.83 8.54 3.50
N VAL D 48 -3.33 7.68 2.57
CA VAL D 48 -2.53 6.66 1.87
C VAL D 48 -2.24 6.98 0.39
N ALA D 49 -3.31 7.22 -0.40
CA ALA D 49 -3.20 7.40 -1.86
C ALA D 49 -4.38 8.16 -2.42
N ARG D 50 -4.16 8.82 -3.55
CA ARG D 50 -5.14 9.64 -4.24
C ARG D 50 -5.11 9.32 -5.72
N ILE D 51 -6.29 9.30 -6.37
CA ILE D 51 -6.37 9.12 -7.82
C ILE D 51 -7.36 10.15 -8.41
N ARG D 52 -6.91 10.95 -9.37
CA ARG D 52 -7.76 11.97 -9.99
C ARG D 52 -8.61 11.37 -11.12
N SER D 53 -9.54 12.18 -11.70
CA SER D 53 -10.39 11.68 -12.78
C SER D 53 -9.68 11.82 -14.13
N LYS D 54 -10.29 11.28 -15.19
CA LYS D 54 -9.84 11.34 -16.60
C LYS D 54 -9.34 12.73 -17.03
N ILE D 55 -10.08 13.81 -16.73
CA ILE D 55 -9.70 15.17 -17.13
C ILE D 55 -8.36 15.63 -16.54
N ASN D 56 -8.01 15.12 -15.36
CA ASN D 56 -6.73 15.41 -14.71
C ASN D 56 -5.74 14.25 -14.92
N ASN D 57 -5.91 13.53 -16.05
CA ASN D 57 -5.00 12.46 -16.46
C ASN D 57 -4.85 11.31 -15.47
N TYR D 58 -5.95 10.98 -14.73
CA TYR D 58 -5.97 9.88 -13.75
C TYR D 58 -4.72 9.94 -12.85
N SER D 59 -4.27 11.16 -12.48
CA SER D 59 -3.06 11.38 -11.69
C SER D 59 -3.08 10.64 -10.36
N THR D 60 -1.97 9.95 -9.99
CA THR D 60 -1.89 9.21 -8.72
C THR D 60 -0.87 9.86 -7.76
N TYR D 61 -1.16 9.83 -6.44
CA TYR D 61 -0.31 10.44 -5.42
C TYR D 61 -0.24 9.42 -4.27
N TYR D 62 0.92 9.26 -3.59
CA TYR D 62 1.02 8.29 -2.48
C TYR D 62 1.80 8.84 -1.32
N ALA D 63 1.49 8.33 -0.09
CA ALA D 63 2.28 8.65 1.09
C ALA D 63 3.63 7.95 0.91
N ASP D 64 4.71 8.53 1.44
CA ASP D 64 6.07 8.00 1.32
C ASP D 64 6.20 6.54 1.80
N SER D 65 5.54 6.21 2.91
CA SER D 65 5.56 4.87 3.52
C SER D 65 4.96 3.76 2.62
N VAL D 66 4.15 4.11 1.61
CA VAL D 66 3.49 3.13 0.73
C VAL D 66 3.93 3.15 -0.73
N LYS D 67 4.63 4.24 -1.15
CA LYS D 67 5.23 4.45 -2.47
C LYS D 67 6.12 3.20 -2.73
N ASP D 68 6.06 2.63 -3.94
CA ASP D 68 6.81 1.42 -4.34
C ASP D 68 6.11 0.12 -3.94
N ARG D 69 5.10 0.17 -3.02
CA ARG D 69 4.41 -1.05 -2.59
C ARG D 69 2.93 -1.06 -2.96
N PHE D 70 2.28 0.11 -2.90
CA PHE D 70 0.84 0.20 -3.14
C PHE D 70 0.53 0.81 -4.49
N THR D 71 -0.57 0.33 -5.11
CA THR D 71 -1.09 0.88 -6.36
C THR D 71 -2.58 1.18 -6.24
N ILE D 72 -2.96 2.46 -6.45
CA ILE D 72 -4.37 2.88 -6.49
C ILE D 72 -4.82 2.83 -7.95
N SER D 73 -6.01 2.30 -8.21
CA SER D 73 -6.55 2.25 -9.58
C SER D 73 -8.07 2.36 -9.54
N ARG D 74 -8.67 2.68 -10.69
CA ARG D 74 -10.11 2.83 -10.79
C ARG D 74 -10.67 2.15 -12.04
N ASP D 75 -11.95 1.77 -11.98
CA ASP D 75 -12.71 1.23 -13.10
C ASP D 75 -13.98 2.07 -13.13
N ASP D 76 -13.98 3.10 -14.00
CA ASP D 76 -15.08 4.04 -14.14
C ASP D 76 -16.35 3.41 -14.71
N SER D 77 -16.20 2.38 -15.59
CA SER D 77 -17.34 1.70 -16.18
C SER D 77 -18.18 0.94 -15.14
N GLN D 78 -17.54 0.49 -14.03
CA GLN D 78 -18.19 -0.26 -12.95
C GLN D 78 -18.25 0.54 -11.63
N SER D 79 -17.85 1.83 -11.64
CA SER D 79 -17.79 2.69 -10.43
C SER D 79 -16.98 1.99 -9.28
N MET D 80 -15.79 1.43 -9.61
CA MET D 80 -14.95 0.69 -8.67
C MET D 80 -13.61 1.39 -8.40
N LEU D 81 -13.18 1.41 -7.11
CA LEU D 81 -11.88 1.94 -6.69
C LEU D 81 -11.12 0.77 -6.08
N TYR D 82 -9.80 0.67 -6.38
CA TYR D 82 -8.99 -0.44 -5.88
C TYR D 82 -7.72 0.02 -5.22
N LEU D 83 -7.16 -0.84 -4.36
CA LEU D 83 -5.87 -0.61 -3.73
C LEU D 83 -5.09 -1.95 -3.67
N GLN D 84 -4.05 -2.07 -4.53
CA GLN D 84 -3.19 -3.26 -4.59
C GLN D 84 -2.07 -3.05 -3.58
N MET D 85 -1.97 -3.95 -2.59
CA MET D 85 -0.96 -3.79 -1.57
C MET D 85 0.02 -4.95 -1.68
N ASN D 86 1.29 -4.64 -1.95
CA ASN D 86 2.34 -5.64 -2.06
C ASN D 86 3.33 -5.45 -0.95
N ASN D 87 4.15 -6.49 -0.65
CA ASN D 87 5.19 -6.47 0.40
C ASN D 87 4.68 -5.92 1.72
N LEU D 88 3.53 -6.45 2.18
CA LEU D 88 2.88 -5.96 3.40
C LEU D 88 3.70 -6.11 4.67
N LYS D 89 3.62 -5.10 5.53
CA LYS D 89 4.35 -5.05 6.79
C LYS D 89 3.37 -4.93 7.95
N THR D 90 3.82 -5.32 9.16
CA THR D 90 3.09 -5.25 10.43
C THR D 90 2.44 -3.87 10.59
N GLU D 91 3.23 -2.79 10.32
CA GLU D 91 2.78 -1.39 10.44
C GLU D 91 1.68 -0.97 9.45
N ASP D 92 1.33 -1.84 8.48
CA ASP D 92 0.23 -1.55 7.54
C ASP D 92 -1.11 -2.02 8.10
N THR D 93 -1.09 -2.71 9.25
CA THR D 93 -2.30 -3.21 9.93
C THR D 93 -3.16 -1.97 10.26
N ALA D 94 -4.41 -1.96 9.77
CA ALA D 94 -5.30 -0.81 9.96
C ALA D 94 -6.65 -1.05 9.33
N MET D 95 -7.60 -0.16 9.64
CA MET D 95 -8.89 -0.13 8.98
C MET D 95 -8.66 0.76 7.75
N TYR D 96 -9.01 0.29 6.55
CA TYR D 96 -8.82 1.08 5.32
C TYR D 96 -10.14 1.63 4.84
N TYR D 97 -10.19 2.95 4.62
CA TYR D 97 -11.39 3.65 4.19
C TYR D 97 -11.24 4.17 2.77
N CYS D 98 -12.28 3.99 1.98
CA CYS D 98 -12.44 4.49 0.61
C CYS D 98 -13.11 5.88 0.82
N VAL D 99 -12.57 6.94 0.17
CA VAL D 99 -13.09 8.31 0.36
C VAL D 99 -13.33 9.02 -0.97
N ARG D 100 -14.51 9.64 -1.16
CA ARG D 100 -14.76 10.51 -2.33
C ARG D 100 -14.19 11.85 -1.88
N GLY D 101 -13.18 12.37 -2.57
CA GLY D 101 -12.50 13.59 -2.15
C GLY D 101 -12.04 13.47 -0.70
N THR D 102 -12.49 14.40 0.16
CA THR D 102 -12.24 14.39 1.61
C THR D 102 -13.59 14.28 2.37
N THR D 103 -14.71 14.15 1.61
CA THR D 103 -16.10 14.18 2.12
C THR D 103 -16.93 12.92 2.34
N TYR D 104 -16.99 12.00 1.38
CA TYR D 104 -17.85 10.82 1.58
C TYR D 104 -16.95 9.65 1.95
N TRP D 105 -17.14 9.04 3.14
CA TRP D 105 -16.30 7.93 3.63
C TRP D 105 -17.08 6.64 3.72
N GLY D 106 -16.43 5.52 3.36
CA GLY D 106 -17.08 4.22 3.49
C GLY D 106 -16.98 3.76 4.93
N GLN D 107 -17.48 2.55 5.24
CA GLN D 107 -17.42 2.00 6.62
C GLN D 107 -16.06 1.40 6.94
N GLY D 108 -15.27 1.15 5.91
CA GLY D 108 -13.93 0.61 6.06
C GLY D 108 -13.83 -0.90 6.03
N THR D 109 -12.61 -1.42 5.71
CA THR D 109 -12.31 -2.87 5.72
C THR D 109 -11.02 -3.07 6.54
N LEU D 110 -11.02 -4.06 7.46
CA LEU D 110 -9.87 -4.27 8.34
C LEU D 110 -8.80 -5.17 7.74
N VAL D 111 -7.53 -4.70 7.76
CA VAL D 111 -6.39 -5.45 7.23
C VAL D 111 -5.47 -5.77 8.40
N THR D 112 -5.19 -7.07 8.63
CA THR D 112 -4.29 -7.49 9.71
C THR D 112 -3.07 -8.13 9.06
N VAL D 113 -1.88 -7.57 9.30
CA VAL D 113 -0.64 -8.14 8.75
C VAL D 113 0.07 -8.84 9.91
N SER D 114 -0.02 -10.17 9.97
CA SER D 114 0.54 -10.94 11.07
C SER D 114 0.92 -12.38 10.64
N ALA D 115 1.90 -12.98 11.34
CA ALA D 115 2.32 -14.37 11.10
C ALA D 115 1.45 -15.36 11.94
N ALA D 116 0.63 -14.85 12.89
CA ALA D 116 -0.26 -15.66 13.73
C ALA D 116 -1.38 -16.28 12.90
N LYS D 117 -1.85 -17.46 13.32
CA LYS D 117 -2.85 -18.21 12.56
C LYS D 117 -4.30 -17.89 12.89
N THR D 118 -5.18 -18.03 11.89
CA THR D 118 -6.63 -17.88 11.99
C THR D 118 -7.14 -18.93 12.98
N THR D 119 -7.90 -18.49 13.98
CA THR D 119 -8.46 -19.35 15.02
C THR D 119 -9.91 -18.95 15.25
N PRO D 120 -10.89 -19.89 15.18
CA PRO D 120 -12.30 -19.52 15.44
C PRO D 120 -12.53 -19.26 16.93
N PRO D 121 -13.54 -18.48 17.33
CA PRO D 121 -13.77 -18.29 18.78
C PRO D 121 -14.47 -19.49 19.43
N SER D 122 -14.27 -19.65 20.73
CA SER D 122 -15.03 -20.58 21.57
C SER D 122 -16.09 -19.63 22.18
N VAL D 123 -17.38 -19.99 22.14
CA VAL D 123 -18.45 -19.12 22.64
C VAL D 123 -19.11 -19.73 23.91
N TYR D 124 -19.07 -19.02 25.02
CA TYR D 124 -19.62 -19.51 26.28
C TYR D 124 -20.81 -18.69 26.79
N PRO D 125 -21.98 -19.34 27.07
CA PRO D 125 -23.13 -18.58 27.63
C PRO D 125 -22.90 -18.27 29.10
N LEU D 126 -23.28 -17.07 29.54
CA LEU D 126 -23.11 -16.66 30.94
C LEU D 126 -24.49 -16.38 31.50
N ALA D 127 -25.00 -17.33 32.28
CA ALA D 127 -26.30 -17.25 32.92
C ALA D 127 -26.06 -16.74 34.34
N PRO D 128 -27.03 -16.07 35.01
CA PRO D 128 -26.79 -15.62 36.40
C PRO D 128 -26.59 -16.78 37.37
N GLY D 129 -25.78 -16.58 38.40
CA GLY D 129 -25.52 -17.59 39.43
C GLY D 129 -26.79 -18.00 40.18
N SER D 130 -27.48 -17.01 40.77
CA SER D 130 -28.73 -17.09 41.53
C SER D 130 -29.18 -15.66 41.88
N ALA D 131 -28.21 -14.79 42.23
CA ALA D 131 -28.34 -13.35 42.52
C ALA D 131 -29.56 -12.97 43.39
N ALA D 132 -30.16 -11.80 43.15
CA ALA D 132 -31.36 -11.32 43.84
C ALA D 132 -32.50 -11.29 42.82
N GLN D 133 -32.74 -12.44 42.17
CA GLN D 133 -33.76 -12.61 41.12
C GLN D 133 -35.20 -12.46 41.60
N THR D 134 -35.62 -11.20 41.68
CA THR D 134 -36.95 -10.70 42.04
C THR D 134 -37.13 -9.34 41.36
N ASN D 135 -36.01 -8.79 40.84
CA ASN D 135 -35.91 -7.52 40.11
C ASN D 135 -36.60 -7.66 38.75
N SER D 136 -37.13 -6.56 38.21
CA SER D 136 -37.85 -6.55 36.93
C SER D 136 -36.96 -6.82 35.71
N MET D 137 -35.63 -6.65 35.84
CA MET D 137 -34.70 -6.87 34.72
C MET D 137 -33.67 -7.89 35.11
N VAL D 138 -33.14 -8.63 34.11
CA VAL D 138 -32.12 -9.67 34.31
CA VAL D 138 -32.10 -9.65 34.34
C VAL D 138 -31.00 -9.49 33.28
N THR D 139 -29.73 -9.53 33.72
CA THR D 139 -28.55 -9.38 32.83
C THR D 139 -27.98 -10.78 32.50
N LEU D 140 -27.75 -11.03 31.21
CA LEU D 140 -27.19 -12.27 30.66
C LEU D 140 -25.86 -11.93 29.99
N GLY D 141 -25.01 -12.94 29.79
CA GLY D 141 -23.72 -12.67 29.16
C GLY D 141 -23.28 -13.73 28.16
N CYS D 142 -22.28 -13.36 27.37
CA CYS D 142 -21.72 -14.20 26.32
C CYS D 142 -20.21 -13.91 26.32
N LEU D 143 -19.36 -14.94 26.52
CA LEU D 143 -17.90 -14.82 26.49
C LEU D 143 -17.42 -15.43 25.17
N VAL D 144 -16.71 -14.63 24.38
CA VAL D 144 -16.20 -14.99 23.05
C VAL D 144 -14.68 -15.03 23.19
N LYS D 145 -14.13 -16.23 23.33
CA LYS D 145 -12.72 -16.41 23.68
C LYS D 145 -11.84 -17.13 22.68
N GLY D 146 -10.60 -16.66 22.59
CA GLY D 146 -9.51 -17.25 21.81
C GLY D 146 -9.61 -17.23 20.31
N TYR D 147 -9.96 -16.08 19.72
CA TYR D 147 -10.06 -16.00 18.26
C TYR D 147 -8.96 -15.14 17.64
N PHE D 148 -8.78 -15.27 16.32
CA PHE D 148 -7.83 -14.43 15.60
C PHE D 148 -8.09 -14.59 14.11
N PRO D 149 -8.06 -13.52 13.32
CA PRO D 149 -7.86 -12.12 13.72
C PRO D 149 -9.22 -11.49 14.08
N GLU D 150 -9.22 -10.17 14.32
CA GLU D 150 -10.44 -9.38 14.43
C GLU D 150 -10.96 -9.22 12.98
N PRO D 151 -12.23 -8.87 12.76
CA PRO D 151 -13.29 -8.63 13.75
C PRO D 151 -14.16 -9.86 13.96
N VAL D 152 -15.03 -9.75 14.94
CA VAL D 152 -16.09 -10.70 15.25
C VAL D 152 -17.38 -9.81 15.32
N THR D 153 -18.56 -10.32 14.93
CA THR D 153 -19.80 -9.53 15.08
C THR D 153 -20.72 -10.28 16.06
N VAL D 154 -21.16 -9.59 17.11
CA VAL D 154 -22.00 -10.21 18.13
C VAL D 154 -23.38 -9.57 18.11
N THR D 155 -24.44 -10.39 18.10
CA THR D 155 -25.82 -9.93 18.18
C THR D 155 -26.51 -10.81 19.23
N TRP D 156 -27.73 -10.42 19.65
CA TRP D 156 -28.57 -11.18 20.58
C TRP D 156 -29.90 -11.42 19.85
N ASN D 157 -30.44 -12.67 19.89
CA ASN D 157 -31.68 -13.05 19.18
C ASN D 157 -31.64 -12.67 17.68
N SER D 158 -30.50 -12.95 17.00
CA SER D 158 -30.30 -12.66 15.56
C SER D 158 -30.39 -11.16 15.21
N GLY D 159 -30.21 -10.29 16.22
CA GLY D 159 -30.29 -8.85 16.04
C GLY D 159 -31.62 -8.25 16.47
N SER D 160 -32.63 -9.11 16.79
CA SER D 160 -33.95 -8.70 17.28
C SER D 160 -33.84 -7.99 18.62
N LEU D 161 -32.88 -8.41 19.47
CA LEU D 161 -32.62 -7.84 20.79
C LEU D 161 -31.48 -6.84 20.63
N SER D 162 -31.77 -5.54 20.52
CA SER D 162 -30.73 -4.52 20.32
C SER D 162 -30.62 -3.60 21.52
N SER D 163 -31.77 -3.31 22.15
CA SER D 163 -31.86 -2.48 23.35
C SER D 163 -31.19 -3.18 24.56
N GLY D 164 -30.40 -2.43 25.32
CA GLY D 164 -29.75 -2.92 26.53
C GLY D 164 -28.58 -3.86 26.32
N VAL D 165 -27.94 -3.78 25.14
CA VAL D 165 -26.80 -4.63 24.81
C VAL D 165 -25.52 -3.80 24.99
N HIS D 166 -24.47 -4.43 25.56
CA HIS D 166 -23.15 -3.80 25.66
C HIS D 166 -22.15 -4.84 25.18
N THR D 167 -21.42 -4.55 24.08
CA THR D 167 -20.36 -5.43 23.53
C THR D 167 -19.06 -4.70 23.78
N PHE D 168 -18.14 -5.33 24.48
CA PHE D 168 -16.88 -4.68 24.88
C PHE D 168 -15.74 -4.86 23.88
N PRO D 169 -14.83 -3.86 23.74
CA PRO D 169 -13.68 -4.06 22.84
C PRO D 169 -12.86 -5.28 23.26
N ALA D 170 -12.37 -6.05 22.29
CA ALA D 170 -11.58 -7.25 22.56
C ALA D 170 -10.20 -6.92 23.14
N VAL D 171 -9.62 -7.85 23.91
CA VAL D 171 -8.28 -7.71 24.48
C VAL D 171 -7.42 -8.80 23.82
N LEU D 172 -6.21 -8.42 23.36
CA LEU D 172 -5.27 -9.32 22.70
C LEU D 172 -4.23 -9.84 23.70
N GLN D 173 -4.09 -11.16 23.78
CA GLN D 173 -3.09 -11.79 24.64
C GLN D 173 -2.63 -13.09 24.01
N SER D 174 -1.29 -13.26 23.84
CA SER D 174 -0.67 -14.46 23.27
C SER D 174 -1.26 -14.80 21.89
N ASP D 175 -1.39 -13.79 21.03
CA ASP D 175 -1.92 -13.87 19.66
C ASP D 175 -3.40 -14.32 19.56
N LEU D 176 -4.19 -14.18 20.65
CA LEU D 176 -5.61 -14.52 20.62
C LEU D 176 -6.47 -13.42 21.25
N TYR D 177 -7.62 -13.11 20.65
CA TYR D 177 -8.53 -12.09 21.19
C TYR D 177 -9.62 -12.70 22.03
N THR D 178 -10.06 -11.97 23.07
CA THR D 178 -11.21 -12.35 23.93
C THR D 178 -12.10 -11.12 24.09
N LEU D 179 -13.41 -11.31 23.99
CA LEU D 179 -14.38 -10.23 24.10
C LEU D 179 -15.58 -10.81 24.89
N SER D 180 -16.35 -9.93 25.54
CA SER D 180 -17.59 -10.35 26.20
C SER D 180 -18.73 -9.44 25.76
N SER D 181 -19.96 -9.90 25.91
CA SER D 181 -21.13 -9.10 25.58
C SER D 181 -22.18 -9.34 26.65
N SER D 182 -22.91 -8.30 27.04
CA SER D 182 -24.00 -8.44 27.99
C SER D 182 -25.32 -7.94 27.38
N VAL D 183 -26.46 -8.47 27.86
CA VAL D 183 -27.79 -7.97 27.46
C VAL D 183 -28.65 -7.96 28.73
N THR D 184 -29.47 -6.91 28.91
CA THR D 184 -30.37 -6.77 30.06
C THR D 184 -31.77 -6.80 29.48
N VAL D 185 -32.57 -7.76 29.96
CA VAL D 185 -33.91 -8.05 29.45
C VAL D 185 -34.92 -8.11 30.61
N PRO D 186 -36.24 -7.89 30.34
CA PRO D 186 -37.22 -8.06 31.44
C PRO D 186 -37.20 -9.50 31.97
N SER D 187 -37.37 -9.67 33.27
CA SER D 187 -37.42 -10.99 33.90
C SER D 187 -38.66 -11.81 33.46
N SER D 188 -39.67 -11.15 32.84
CA SER D 188 -40.82 -11.85 32.22
C SER D 188 -40.32 -12.67 30.97
N PRO D 189 -39.51 -12.14 30.01
CA PRO D 189 -38.97 -12.96 28.91
C PRO D 189 -37.93 -14.05 29.21
N ARG D 190 -37.00 -13.90 30.20
CA ARG D 190 -36.00 -14.95 30.46
C ARG D 190 -36.12 -15.42 31.91
N PRO D 191 -36.12 -16.73 32.18
CA PRO D 191 -35.97 -17.87 31.25
C PRO D 191 -37.19 -18.42 30.55
N SER D 192 -38.37 -17.77 30.62
CA SER D 192 -39.58 -18.31 29.96
C SER D 192 -39.47 -18.40 28.45
N GLU D 193 -38.78 -17.43 27.80
CA GLU D 193 -38.56 -17.43 26.34
C GLU D 193 -37.05 -17.65 26.06
N THR D 194 -36.71 -18.11 24.84
CA THR D 194 -35.32 -18.38 24.45
C THR D 194 -34.57 -17.08 24.23
N VAL D 195 -33.32 -17.02 24.72
CA VAL D 195 -32.38 -15.91 24.46
C VAL D 195 -31.08 -16.57 23.97
N THR D 196 -30.56 -16.14 22.80
CA THR D 196 -29.28 -16.63 22.28
C THR D 196 -28.33 -15.45 22.04
N CYS D 197 -27.01 -15.69 22.11
CA CYS D 197 -26.05 -14.72 21.61
C CYS D 197 -25.54 -15.33 20.31
N ASN D 198 -25.30 -14.49 19.31
CA ASN D 198 -24.89 -14.97 17.98
C ASN D 198 -23.56 -14.38 17.65
N VAL D 199 -22.62 -15.23 17.29
CA VAL D 199 -21.25 -14.81 17.01
C VAL D 199 -20.76 -15.19 15.62
N ALA D 200 -20.44 -14.19 14.78
CA ALA D 200 -19.90 -14.42 13.43
C ALA D 200 -18.42 -14.03 13.39
N HIS D 201 -17.58 -14.91 12.83
CA HIS D 201 -16.14 -14.65 12.69
C HIS D 201 -15.82 -14.89 11.22
N PRO D 202 -15.90 -13.86 10.35
CA PRO D 202 -15.70 -14.08 8.90
C PRO D 202 -14.37 -14.70 8.48
N ALA D 203 -13.27 -14.42 9.20
CA ALA D 203 -11.97 -15.01 8.83
C ALA D 203 -11.94 -16.54 8.88
N SER D 204 -12.69 -17.13 9.83
CA SER D 204 -12.74 -18.58 9.96
C SER D 204 -14.02 -19.11 9.33
N SER D 205 -14.82 -18.21 8.71
CA SER D 205 -16.12 -18.49 8.08
C SER D 205 -17.08 -19.19 9.05
N THR D 206 -16.99 -18.84 10.36
CA THR D 206 -17.85 -19.47 11.38
C THR D 206 -18.98 -18.59 11.87
N LYS D 207 -20.08 -19.23 12.24
CA LYS D 207 -21.26 -18.58 12.78
C LYS D 207 -21.78 -19.49 13.87
N VAL D 208 -21.80 -19.02 15.14
CA VAL D 208 -22.21 -19.84 16.29
C VAL D 208 -23.34 -19.12 17.05
N ASP D 209 -24.44 -19.87 17.38
CA ASP D 209 -25.56 -19.39 18.21
C ASP D 209 -25.52 -20.19 19.50
N LYS D 210 -25.71 -19.50 20.64
CA LYS D 210 -25.70 -20.16 21.94
C LYS D 210 -26.87 -19.69 22.76
N LYS D 211 -27.72 -20.65 23.20
CA LYS D 211 -28.88 -20.36 24.03
C LYS D 211 -28.42 -20.21 25.49
N ILE D 212 -28.92 -19.15 26.18
CA ILE D 212 -28.62 -18.92 27.60
C ILE D 212 -29.62 -19.71 28.43
N VAL D 213 -29.14 -20.70 29.17
CA VAL D 213 -30.03 -21.57 29.98
C VAL D 213 -29.72 -21.41 31.47
N PRO D 214 -30.74 -21.44 32.37
CA PRO D 214 -30.46 -21.32 33.81
C PRO D 214 -29.49 -22.39 34.30
N ARG D 215 -28.65 -22.04 35.26
CA ARG D 215 -27.65 -22.96 35.82
C ARG D 215 -28.27 -24.06 36.68
N ASP D 216 -27.57 -25.21 36.75
CA ASP D 216 -27.93 -26.38 37.55
C ASP D 216 -27.10 -26.33 38.85
N CYS D 217 -26.15 -27.29 39.05
CA CYS D 217 -25.23 -27.44 40.18
C CYS D 217 -25.78 -27.11 41.59
N GLU E 1 42.71 25.43 -20.78
CA GLU E 1 42.05 26.55 -20.14
C GLU E 1 40.69 26.93 -20.77
N GLU E 2 39.77 27.46 -19.90
CA GLU E 2 38.36 27.91 -20.03
C GLU E 2 37.30 26.79 -20.03
N GLU E 3 36.64 26.60 -18.85
CA GLU E 3 35.69 25.49 -18.66
C GLU E 3 34.33 25.68 -19.30
N ASP E 4 33.94 24.73 -20.16
CA ASP E 4 32.62 24.69 -20.82
C ASP E 4 31.58 24.54 -19.71
N ASP E 5 30.40 25.13 -19.89
CA ASP E 5 29.35 25.08 -18.87
C ASP E 5 27.98 24.95 -19.52
N ASP E 6 27.27 23.83 -19.26
CA ASP E 6 25.93 23.66 -19.81
C ASP E 6 24.83 24.31 -18.93
N MET E 7 25.24 25.05 -17.88
CA MET E 7 24.36 25.80 -16.95
C MET E 7 23.44 24.91 -16.06
N GLY E 8 23.77 23.62 -15.92
CA GLY E 8 23.01 22.68 -15.11
C GLY E 8 23.22 22.90 -13.62
N PHE E 9 24.47 23.23 -13.23
CA PHE E 9 24.83 23.48 -11.83
C PHE E 9 25.34 24.92 -11.64
N GLY E 10 25.13 25.48 -10.46
CA GLY E 10 25.59 26.82 -10.11
C GLY E 10 27.06 26.88 -9.75
N LEU E 11 27.54 28.08 -9.33
CA LEU E 11 28.91 28.43 -8.95
C LEU E 11 29.86 28.41 -10.13
N GLU F 1 -15.04 15.53 -18.82
CA GLU F 1 -15.90 16.46 -18.08
C GLU F 1 -15.12 17.08 -16.90
N GLU F 2 -15.48 18.33 -16.50
CA GLU F 2 -14.81 19.03 -15.37
C GLU F 2 -14.90 18.18 -14.08
N GLU F 3 -13.77 18.06 -13.36
CA GLU F 3 -13.70 17.27 -12.14
C GLU F 3 -14.39 17.99 -10.98
N ASP F 4 -15.29 17.27 -10.27
CA ASP F 4 -15.94 17.77 -9.05
C ASP F 4 -14.82 18.04 -8.02
N ASP F 5 -14.92 19.14 -7.26
CA ASP F 5 -13.90 19.47 -6.27
C ASP F 5 -14.58 19.93 -4.96
N ASP F 6 -14.34 19.20 -3.84
CA ASP F 6 -14.94 19.54 -2.53
C ASP F 6 -14.06 20.53 -1.75
N MET F 7 -12.94 20.98 -2.38
CA MET F 7 -11.96 21.96 -1.87
C MET F 7 -11.16 21.50 -0.63
N GLY F 8 -11.04 20.18 -0.43
CA GLY F 8 -10.29 19.61 0.67
C GLY F 8 -8.79 19.73 0.49
N PHE F 9 -8.33 19.60 -0.79
CA PHE F 9 -6.91 19.68 -1.16
C PHE F 9 -6.69 20.78 -2.21
N GLY F 10 -5.55 21.45 -2.13
CA GLY F 10 -5.16 22.48 -3.09
C GLY F 10 -4.67 21.88 -4.40
N LEU F 11 -4.33 20.58 -4.38
CA LEU F 11 -3.85 19.80 -5.52
C LEU F 11 -5.02 19.17 -6.31
#